data_8C8U
#
_entry.id   8C8U
#
_cell.length_a   89.580
_cell.length_b   124.830
_cell.length_c   114.460
_cell.angle_alpha   90.000
_cell.angle_beta   90.000
_cell.angle_gamma   90.000
#
_symmetry.space_group_name_H-M   'P 21 21 2'
#
loop_
_entity.id
_entity.type
_entity.pdbx_description
1 polymer 'Isoleucine--tRNA ligase'
2 non-polymer 'ZINC ION'
3 non-polymer MUPIROCIN
4 non-polymer 'L(+)-TARTARIC ACID'
5 non-polymer 'PENTAETHYLENE GLYCOL'
6 water water
#
_entity_poly.entity_id   1
_entity_poly.type   'polypeptide(L)'
_entity_poly.pdbx_seq_one_letter_code
;MKEVNVRESSQEREQRIQQQWQKGNVFQQSVQNREGYPSFVFYEGPPTANGLPHVGHALGRTIKDVVARYKTMTGHQVIR
KAGWDTHGLPVELGVEKQLGISGKHDIEKYGVEAFINKCKESVFVYEKQWRTFTEQLGYWVDMEDPYITLENSYIESVWN
VLGTIHDKGLLYKGHRVSPYCPSCQTSLSSHEVAQGYKDVKDLTVTVKFKVKNRDNEYFLGWTTTPWTLPSNVALAVHEE
MSYVRAEQGDSVYIVAEALADKVLKGEYSVLSHHKGNELKGMSYEPPFNFVKVEKGHEVVTADYVTDQSGTGVVHLAPAY
GEDDYRVVKENGFSFVNVVDEKGQYTSEVPPFQGRFVKDCDVDIVRYLANQDVLYHKEKHEHSYPFCWRCDSPLLYYANE
SWFIQTTALKEQFLKNNESVKWYPDHIKHGRFGKFLENMVDWNISRKRYWGTPLNVWECEGCQHQVAPKSIKELQKHASH
YVDDSIELHKPYVDDVQLTCPVCSGEMKRTPEVIDVWFDSGSMPFAQYHYPFENSELFQKQFPADVIAEGIDQTRGWFYS
LMAVSTLFTGKAPYKRVLSLGHVLDENGQKMSKSKGNALDPVDLIHTFGADALRWALLADSAPWNPKKFSERVVQEAKSK
VIDTLVNVYGFYVLYAKLDGYDPEQTYELKKTKLDEWILSRLHSTVKRATVHLEDYGFTSAAREIAVFIEELSNWYVRRS
RDRFWSEGMDGEKAAAYDTLHEVLVTLSQLLAPFTPFVADDVHENLTGKSVHLADYPACDQTKVNEKLEKEMAAVLQVVE
LGRSIRNTHSLKVKQPLQSLSLVVTEEDVEWKAYRDVIKDELNVKNFNVEQDDDKVLSYVLKLDFKQAGPKFGKQVNEVN
QALKNLSEEKGKEFVEQGKLSVTLASGENLTLETEDVLVEKVPKEGFAVASNGMYTAVLDTALTEELVQEGVAREVIRAV
QDYRKKLDLPVNSRINLELSGDEEVQKAVAKFETLLQENLLLHSLSVKETIKNGETVKVGTKQVVLRVLNQS
;
_entity_poly.pdbx_strand_id   A
#
loop_
_chem_comp.id
_chem_comp.type
_chem_comp.name
_chem_comp.formula
1PE non-polymer 'PENTAETHYLENE GLYCOL' 'C10 H22 O6'
MRC non-polymer MUPIROCIN 'C26 H44 O9'
TLA non-polymer 'L(+)-TARTARIC ACID' 'C4 H6 O6'
ZN non-polymer 'ZINC ION' 'Zn 2'
#
# COMPACT_ATOMS: atom_id res chain seq x y z
N MET A 1 -34.55 -18.81 9.04
CA MET A 1 -33.56 -18.57 7.99
C MET A 1 -34.22 -18.44 6.62
N LYS A 2 -33.96 -17.33 5.95
CA LYS A 2 -34.39 -17.16 4.58
C LYS A 2 -33.58 -18.08 3.67
N GLU A 3 -34.19 -18.49 2.56
CA GLU A 3 -33.47 -19.30 1.60
C GLU A 3 -32.32 -18.50 0.98
N VAL A 4 -31.36 -19.23 0.41
CA VAL A 4 -30.15 -18.64 -0.18
C VAL A 4 -30.17 -18.95 -1.67
N ASN A 5 -30.08 -17.92 -2.50
CA ASN A 5 -29.78 -18.08 -3.92
C ASN A 5 -28.26 -18.00 -4.06
N VAL A 6 -27.60 -19.15 -4.27
CA VAL A 6 -26.15 -19.13 -4.43
C VAL A 6 -25.73 -18.51 -5.76
N ARG A 7 -26.67 -18.32 -6.69
CA ARG A 7 -26.41 -17.62 -7.94
C ARG A 7 -26.73 -16.12 -7.89
N GLU A 8 -27.35 -15.62 -6.80
CA GLU A 8 -27.60 -14.19 -6.64
C GLU A 8 -26.32 -13.42 -6.89
N SER A 9 -26.43 -12.31 -7.63
CA SER A 9 -25.21 -11.59 -7.96
C SER A 9 -24.65 -10.92 -6.71
N SER A 10 -23.35 -10.61 -6.76
N SER A 10 -23.35 -10.62 -6.76
CA SER A 10 -22.73 -9.88 -5.65
CA SER A 10 -22.72 -9.88 -5.67
C SER A 10 -23.38 -8.53 -5.46
C SER A 10 -23.37 -8.52 -5.47
N GLN A 11 -23.67 -7.83 -6.57
CA GLN A 11 -24.29 -6.50 -6.47
C GLN A 11 -25.65 -6.59 -5.76
N GLU A 12 -26.42 -7.64 -6.03
CA GLU A 12 -27.72 -7.78 -5.37
C GLU A 12 -27.56 -8.13 -3.89
N ARG A 13 -26.62 -9.02 -3.58
CA ARG A 13 -26.39 -9.37 -2.17
C ARG A 13 -25.95 -8.13 -1.40
N GLU A 14 -24.99 -7.39 -1.94
CA GLU A 14 -24.44 -6.26 -1.18
C GLU A 14 -25.47 -5.13 -1.03
N GLN A 15 -26.33 -4.92 -2.04
CA GLN A 15 -27.39 -3.93 -1.87
C GLN A 15 -28.41 -4.38 -0.84
N ARG A 16 -28.70 -5.69 -0.79
CA ARG A 16 -29.61 -6.21 0.23
C ARG A 16 -29.04 -6.00 1.64
N ILE A 17 -27.73 -6.24 1.83
CA ILE A 17 -27.14 -6.05 3.14
C ILE A 17 -27.07 -4.57 3.48
N GLN A 18 -26.75 -3.73 2.50
CA GLN A 18 -26.76 -2.30 2.72
C GLN A 18 -28.13 -1.85 3.22
N GLN A 19 -29.19 -2.41 2.65
CA GLN A 19 -30.53 -2.06 3.09
C GLN A 19 -30.79 -2.51 4.52
N GLN A 20 -30.30 -3.71 4.90
CA GLN A 20 -30.39 -4.12 6.30
C GLN A 20 -29.67 -3.12 7.21
N TRP A 21 -28.50 -2.63 6.78
CA TRP A 21 -27.71 -1.74 7.64
C TRP A 21 -28.44 -0.41 7.87
N GLN A 22 -29.08 0.13 6.84
CA GLN A 22 -29.85 1.35 7.03
C GLN A 22 -31.07 1.09 7.91
N LYS A 23 -31.82 0.04 7.59
CA LYS A 23 -33.02 -0.30 8.35
C LYS A 23 -32.71 -0.50 9.83
N GLY A 24 -31.58 -1.11 10.14
CA GLY A 24 -31.22 -1.39 11.50
C GLY A 24 -30.35 -0.36 12.18
N ASN A 25 -30.06 0.75 11.49
CA ASN A 25 -29.11 1.75 11.96
C ASN A 25 -27.83 1.11 12.50
N VAL A 26 -27.27 0.18 11.73
CA VAL A 26 -26.26 -0.73 12.31
C VAL A 26 -24.95 0.00 12.58
N PHE A 27 -24.53 0.88 11.67
CA PHE A 27 -23.27 1.59 11.90
C PHE A 27 -23.34 2.40 13.20
N GLN A 28 -24.40 3.20 13.37
CA GLN A 28 -24.50 3.99 14.58
C GLN A 28 -24.64 3.11 15.80
N GLN A 29 -25.40 2.00 15.69
N GLN A 29 -25.39 2.01 15.68
CA GLN A 29 -25.51 1.08 16.81
CA GLN A 29 -25.51 1.07 16.80
C GLN A 29 -24.16 0.47 17.17
C GLN A 29 -24.16 0.47 17.17
N SER A 30 -23.32 0.18 16.16
CA SER A 30 -22.00 -0.39 16.46
C SER A 30 -21.15 0.55 17.28
N VAL A 31 -21.39 1.86 17.17
CA VAL A 31 -20.63 2.83 17.96
C VAL A 31 -21.28 3.05 19.34
N GLN A 32 -22.60 3.26 19.39
CA GLN A 32 -23.28 3.46 20.67
C GLN A 32 -23.09 2.28 21.60
N ASN A 33 -23.18 1.06 21.08
CA ASN A 33 -23.03 -0.11 21.93
C ASN A 33 -21.67 -0.15 22.61
N ARG A 34 -20.70 0.62 22.11
CA ARG A 34 -19.38 0.70 22.74
C ARG A 34 -19.20 1.93 23.64
N GLU A 35 -20.28 2.65 23.94
CA GLU A 35 -20.19 3.76 24.90
C GLU A 35 -19.71 3.22 26.25
N GLY A 36 -18.62 3.80 26.76
CA GLY A 36 -17.98 3.33 27.96
C GLY A 36 -16.74 2.50 27.74
N TYR A 37 -16.59 1.89 26.56
CA TYR A 37 -15.39 1.11 26.27
C TYR A 37 -14.24 2.03 25.91
N PRO A 38 -13.00 1.57 26.06
CA PRO A 38 -11.86 2.41 25.69
C PRO A 38 -11.95 2.88 24.25
N SER A 39 -11.45 4.09 24.01
CA SER A 39 -11.51 4.70 22.69
C SER A 39 -10.34 4.21 21.84
N PHE A 40 -10.61 3.94 20.56
CA PHE A 40 -9.57 3.69 19.59
C PHE A 40 -9.69 4.76 18.52
N VAL A 41 -8.58 5.43 18.22
CA VAL A 41 -8.60 6.64 17.41
C VAL A 41 -7.85 6.42 16.10
N PHE A 42 -8.44 6.80 14.98
CA PHE A 42 -7.68 6.88 13.73
C PHE A 42 -8.04 8.18 13.03
N TYR A 43 -7.07 8.75 12.30
CA TYR A 43 -7.29 9.89 11.43
C TYR A 43 -7.14 9.44 9.97
N GLU A 44 -8.05 9.89 9.11
CA GLU A 44 -7.83 9.75 7.68
C GLU A 44 -7.18 11.01 7.13
N GLY A 45 -6.26 10.84 6.17
CA GLY A 45 -5.73 11.99 5.45
C GLY A 45 -6.82 12.50 4.53
N PRO A 46 -7.22 13.76 4.68
CA PRO A 46 -8.43 14.22 3.99
C PRO A 46 -8.23 14.30 2.49
N PRO A 47 -9.09 13.61 1.72
CA PRO A 47 -9.01 13.65 0.27
C PRO A 47 -9.73 14.86 -0.32
N THR A 48 -9.87 14.98 -1.63
CA THR A 48 -10.55 16.12 -2.22
C THR A 48 -11.57 15.65 -3.25
N ALA A 49 -12.74 16.29 -3.28
CA ALA A 49 -13.79 15.85 -4.20
C ALA A 49 -13.80 16.63 -5.52
N ASN A 50 -12.68 17.28 -5.89
CA ASN A 50 -12.52 17.76 -7.26
C ASN A 50 -11.92 16.69 -8.19
N GLY A 51 -11.68 15.48 -7.67
CA GLY A 51 -11.36 14.35 -8.52
C GLY A 51 -12.11 13.13 -8.04
N LEU A 52 -12.23 12.15 -8.92
CA LEU A 52 -12.89 10.91 -8.56
C LEU A 52 -12.01 10.09 -7.61
N PRO A 53 -12.61 9.29 -6.73
CA PRO A 53 -11.81 8.37 -5.92
C PRO A 53 -11.17 7.32 -6.81
N HIS A 54 -9.98 6.87 -6.42
CA HIS A 54 -9.25 5.87 -7.19
C HIS A 54 -8.84 4.72 -6.27
N VAL A 55 -8.19 3.72 -6.85
CA VAL A 55 -7.88 2.50 -6.12
C VAL A 55 -6.84 2.72 -5.01
N GLY A 56 -6.10 3.83 -5.06
CA GLY A 56 -5.30 4.21 -3.91
C GLY A 56 -6.16 4.53 -2.69
N HIS A 57 -7.24 5.30 -2.89
CA HIS A 57 -8.19 5.54 -1.79
C HIS A 57 -8.82 4.25 -1.34
N ALA A 58 -9.16 3.36 -2.28
CA ALA A 58 -9.81 2.11 -1.91
C ALA A 58 -8.88 1.26 -1.04
N LEU A 59 -7.59 1.22 -1.36
CA LEU A 59 -6.64 0.48 -0.52
C LEU A 59 -6.57 1.05 0.89
N GLY A 60 -6.38 2.36 1.00
CA GLY A 60 -6.29 2.96 2.32
C GLY A 60 -7.60 2.92 3.09
N ARG A 61 -8.74 3.05 2.41
CA ARG A 61 -9.98 3.02 3.17
C ARG A 61 -10.37 1.59 3.54
N THR A 62 -9.97 0.59 2.74
CA THR A 62 -10.18 -0.79 3.18
C THR A 62 -9.39 -1.07 4.46
N ILE A 63 -8.13 -0.64 4.50
CA ILE A 63 -7.32 -0.93 5.67
C ILE A 63 -7.85 -0.19 6.91
N LYS A 64 -8.22 1.08 6.77
CA LYS A 64 -8.77 1.79 7.92
C LYS A 64 -10.06 1.13 8.38
N ASP A 65 -10.89 0.66 7.44
CA ASP A 65 -12.17 0.08 7.83
C ASP A 65 -11.99 -1.28 8.50
N VAL A 66 -11.06 -2.09 7.99
CA VAL A 66 -10.71 -3.35 8.65
C VAL A 66 -10.33 -3.08 10.10
N VAL A 67 -9.41 -2.14 10.32
CA VAL A 67 -8.97 -1.81 11.68
C VAL A 67 -10.14 -1.36 12.53
N ALA A 68 -10.98 -0.46 11.99
CA ALA A 68 -12.09 0.07 12.79
C ALA A 68 -13.08 -1.02 13.19
N ARG A 69 -13.44 -1.89 12.24
CA ARG A 69 -14.34 -3.01 12.54
C ARG A 69 -13.71 -3.98 13.53
N TYR A 70 -12.43 -4.33 13.32
CA TYR A 70 -11.77 -5.26 14.23
C TYR A 70 -11.69 -4.68 15.64
N LYS A 71 -11.33 -3.40 15.76
CA LYS A 71 -11.21 -2.84 17.11
C LYS A 71 -12.57 -2.64 17.77
N THR A 72 -13.61 -2.37 16.97
CA THR A 72 -14.96 -2.37 17.52
C THR A 72 -15.30 -3.75 18.10
N MET A 73 -15.00 -4.83 17.35
CA MET A 73 -15.36 -6.17 17.81
C MET A 73 -14.53 -6.65 18.99
N THR A 74 -13.32 -6.11 19.18
CA THR A 74 -12.50 -6.51 20.32
C THR A 74 -12.63 -5.55 21.51
N GLY A 75 -13.70 -4.76 21.55
CA GLY A 75 -14.00 -3.97 22.73
C GLY A 75 -13.48 -2.54 22.77
N HIS A 76 -13.59 -1.83 21.66
CA HIS A 76 -13.24 -0.42 21.60
C HIS A 76 -14.37 0.35 20.94
N GLN A 77 -14.56 1.60 21.34
CA GLN A 77 -15.42 2.52 20.62
C GLN A 77 -14.55 3.25 19.60
N VAL A 78 -14.99 3.24 18.34
CA VAL A 78 -14.20 3.80 17.24
C VAL A 78 -15.03 4.87 16.56
N ILE A 79 -14.77 6.14 16.88
CA ILE A 79 -15.44 7.26 16.22
C ILE A 79 -14.84 7.44 14.84
N ARG A 80 -15.67 7.50 13.82
CA ARG A 80 -15.21 7.70 12.45
C ARG A 80 -15.47 9.15 12.04
N LYS A 81 -14.48 9.76 11.40
CA LYS A 81 -14.62 11.12 10.94
C LYS A 81 -13.98 11.24 9.57
N ALA A 82 -14.65 11.95 8.67
CA ALA A 82 -14.08 12.24 7.36
C ALA A 82 -14.02 13.74 7.15
N GLY A 83 -13.15 14.16 6.22
CA GLY A 83 -13.05 15.56 5.91
C GLY A 83 -12.64 15.75 4.47
N TRP A 84 -12.63 17.01 4.05
CA TRP A 84 -12.30 17.39 2.69
C TRP A 84 -11.22 18.45 2.76
N ASP A 85 -10.15 18.24 1.98
CA ASP A 85 -8.99 19.14 1.90
C ASP A 85 -9.21 20.00 0.66
N THR A 86 -9.64 21.24 0.85
CA THR A 86 -10.21 22.02 -0.23
C THR A 86 -9.31 23.15 -0.76
N HIS A 87 -8.24 23.51 -0.06
CA HIS A 87 -7.40 24.59 -0.55
C HIS A 87 -6.36 23.91 -1.46
N GLY A 88 -5.29 24.58 -1.82
CA GLY A 88 -4.38 23.76 -2.62
C GLY A 88 -4.23 24.27 -4.03
N LEU A 89 -2.98 24.39 -4.46
CA LEU A 89 -2.68 24.98 -5.74
C LEU A 89 -3.43 24.36 -6.92
N PRO A 90 -3.62 23.03 -7.02
CA PRO A 90 -4.34 22.50 -8.18
C PRO A 90 -5.72 23.11 -8.37
N VAL A 91 -6.41 23.42 -7.27
CA VAL A 91 -7.73 24.06 -7.38
C VAL A 91 -7.61 25.39 -8.10
N GLU A 92 -6.68 26.23 -7.66
CA GLU A 92 -6.50 27.54 -8.29
C GLU A 92 -6.04 27.39 -9.74
N LEU A 93 -5.13 26.46 -10.01
CA LEU A 93 -4.68 26.26 -11.39
C LEU A 93 -5.81 25.78 -12.29
N GLY A 94 -6.68 24.90 -11.77
CA GLY A 94 -7.82 24.46 -12.55
C GLY A 94 -8.77 25.59 -12.89
N VAL A 95 -8.88 26.59 -12.01
CA VAL A 95 -9.77 27.70 -12.33
C VAL A 95 -9.12 28.65 -13.33
N GLU A 96 -7.81 28.87 -13.20
CA GLU A 96 -7.07 29.65 -14.18
C GLU A 96 -7.20 29.03 -15.57
N LYS A 97 -7.07 27.71 -15.67
CA LYS A 97 -7.17 27.04 -16.97
C LYS A 97 -8.59 27.11 -17.52
N GLN A 98 -9.58 27.04 -16.64
CA GLN A 98 -10.98 27.11 -17.03
C GLN A 98 -11.37 28.53 -17.48
N LEU A 99 -10.76 29.55 -16.91
CA LEU A 99 -11.09 30.94 -17.26
C LEU A 99 -10.16 31.52 -18.30
N GLY A 100 -9.01 30.90 -18.56
CA GLY A 100 -8.07 31.45 -19.51
C GLY A 100 -7.30 32.66 -19.05
N ILE A 101 -7.15 32.87 -17.75
CA ILE A 101 -6.39 34.01 -17.24
C ILE A 101 -5.37 33.52 -16.21
N SER A 102 -4.36 34.35 -15.98
CA SER A 102 -3.34 34.07 -14.96
C SER A 102 -2.75 35.39 -14.50
N GLY A 103 -1.94 35.31 -13.45
CA GLY A 103 -1.23 36.47 -12.97
C GLY A 103 -2.13 37.45 -12.24
N LYS A 104 -1.48 38.33 -11.48
CA LYS A 104 -2.20 39.21 -10.56
C LYS A 104 -3.08 40.21 -11.31
N HIS A 105 -2.61 40.74 -12.43
CA HIS A 105 -3.37 41.78 -13.11
C HIS A 105 -4.67 41.24 -13.70
N ASP A 106 -4.64 40.05 -14.30
CA ASP A 106 -5.83 39.51 -14.95
C ASP A 106 -6.84 38.99 -13.92
N ILE A 107 -6.37 38.39 -12.84
CA ILE A 107 -7.29 37.88 -11.82
C ILE A 107 -8.02 39.05 -11.16
N GLU A 108 -7.30 40.14 -10.89
CA GLU A 108 -7.94 41.28 -10.26
C GLU A 108 -8.78 42.07 -11.25
N LYS A 109 -8.33 42.16 -12.50
CA LYS A 109 -9.20 42.62 -13.58
C LYS A 109 -10.49 41.81 -13.60
N TYR A 110 -10.39 40.50 -13.37
CA TYR A 110 -11.57 39.63 -13.35
C TYR A 110 -12.40 39.85 -12.09
N GLY A 111 -11.75 40.19 -10.97
CA GLY A 111 -12.41 40.31 -9.67
C GLY A 111 -12.01 39.19 -8.73
N VAL A 112 -11.26 39.53 -7.68
CA VAL A 112 -10.78 38.51 -6.75
C VAL A 112 -11.94 37.73 -6.16
N GLU A 113 -12.96 38.43 -5.67
CA GLU A 113 -14.10 37.74 -5.10
C GLU A 113 -14.71 36.74 -6.08
N ALA A 114 -14.92 37.17 -7.33
CA ALA A 114 -15.49 36.27 -8.33
C ALA A 114 -14.58 35.09 -8.57
N PHE A 115 -13.27 35.34 -8.63
CA PHE A 115 -12.31 34.25 -8.79
C PHE A 115 -12.38 33.29 -7.61
N ILE A 116 -12.46 33.81 -6.39
CA ILE A 116 -12.58 32.97 -5.20
C ILE A 116 -13.83 32.09 -5.28
N ASN A 117 -14.92 32.63 -5.84
CA ASN A 117 -16.15 31.83 -5.90
C ASN A 117 -16.03 30.67 -6.87
N LYS A 118 -15.30 30.83 -7.98
CA LYS A 118 -15.09 29.70 -8.88
C LYS A 118 -14.32 28.59 -8.18
N CYS A 119 -13.28 28.94 -7.41
CA CYS A 119 -12.54 27.93 -6.66
C CYS A 119 -13.47 27.17 -5.73
N LYS A 120 -14.30 27.88 -4.99
CA LYS A 120 -15.26 27.22 -4.12
C LYS A 120 -16.13 26.24 -4.89
N GLU A 121 -16.61 26.66 -6.07
CA GLU A 121 -17.52 25.82 -6.84
C GLU A 121 -16.82 24.56 -7.33
N SER A 122 -15.53 24.63 -7.60
CA SER A 122 -14.81 23.54 -8.23
C SER A 122 -14.50 22.37 -7.29
N VAL A 123 -14.59 22.56 -5.97
CA VAL A 123 -14.01 21.55 -5.09
C VAL A 123 -14.96 20.42 -4.73
N PHE A 124 -16.26 20.55 -5.00
CA PHE A 124 -17.18 19.46 -4.68
C PHE A 124 -17.88 18.89 -5.92
N VAL A 125 -17.24 18.97 -7.07
CA VAL A 125 -17.93 18.55 -8.29
C VAL A 125 -18.19 17.04 -8.30
N TYR A 126 -17.38 16.25 -7.58
CA TYR A 126 -17.54 14.81 -7.60
C TYR A 126 -18.08 14.26 -6.30
N GLU A 127 -18.82 15.09 -5.56
CA GLU A 127 -19.29 14.70 -4.23
C GLU A 127 -20.18 13.48 -4.29
N LYS A 128 -21.02 13.40 -5.33
CA LYS A 128 -21.96 12.28 -5.44
C LYS A 128 -21.22 10.97 -5.75
N GLN A 129 -20.23 11.02 -6.62
CA GLN A 129 -19.42 9.83 -6.86
C GLN A 129 -18.69 9.39 -5.59
N TRP A 130 -18.17 10.36 -4.81
CA TRP A 130 -17.54 10.00 -3.54
C TRP A 130 -18.52 9.31 -2.60
N ARG A 131 -19.77 9.79 -2.52
CA ARG A 131 -20.73 9.15 -1.62
C ARG A 131 -20.98 7.71 -2.05
N THR A 132 -21.19 7.48 -3.35
CA THR A 132 -21.47 6.12 -3.82
C THR A 132 -20.29 5.20 -3.54
N PHE A 133 -19.07 5.65 -3.85
CA PHE A 133 -17.86 4.88 -3.60
C PHE A 133 -17.73 4.49 -2.14
N THR A 134 -17.88 5.47 -1.25
CA THR A 134 -17.76 5.26 0.19
C THR A 134 -18.79 4.23 0.69
N GLU A 135 -20.06 4.40 0.32
CA GLU A 135 -21.09 3.47 0.75
C GLU A 135 -20.87 2.06 0.20
N GLN A 136 -20.60 1.96 -1.11
CA GLN A 136 -20.47 0.65 -1.74
C GLN A 136 -19.22 -0.09 -1.29
N LEU A 137 -18.17 0.64 -0.90
CA LEU A 137 -16.99 -0.06 -0.37
C LEU A 137 -17.21 -0.59 1.03
N GLY A 138 -18.29 -0.17 1.69
CA GLY A 138 -18.47 -0.52 3.07
C GLY A 138 -17.57 0.24 4.03
N TYR A 139 -17.13 1.44 3.66
CA TYR A 139 -16.35 2.30 4.54
C TYR A 139 -17.33 3.12 5.37
N TRP A 140 -17.57 2.69 6.62
CA TRP A 140 -18.59 3.34 7.44
C TRP A 140 -18.08 4.67 7.98
N VAL A 141 -18.83 5.74 7.73
CA VAL A 141 -18.53 7.10 8.16
C VAL A 141 -19.77 7.91 7.86
N ASP A 142 -20.01 8.99 8.61
CA ASP A 142 -21.16 9.87 8.33
C ASP A 142 -20.74 10.91 7.30
N MET A 143 -21.22 10.78 6.08
CA MET A 143 -20.84 11.77 5.09
C MET A 143 -21.64 13.06 5.20
N GLU A 144 -22.62 13.14 6.08
CA GLU A 144 -23.30 14.41 6.33
C GLU A 144 -22.57 15.27 7.35
N ASP A 145 -21.53 14.75 8.00
CA ASP A 145 -20.84 15.48 9.07
C ASP A 145 -19.33 15.54 8.84
N PRO A 146 -18.85 15.98 7.68
CA PRO A 146 -17.41 16.09 7.46
C PRO A 146 -16.86 17.38 8.04
N TYR A 147 -15.56 17.41 8.26
CA TYR A 147 -14.94 18.73 8.39
C TYR A 147 -14.52 19.15 6.98
N ILE A 148 -14.35 20.46 6.79
CA ILE A 148 -14.12 21.02 5.46
C ILE A 148 -13.15 22.18 5.63
N THR A 149 -12.00 22.11 4.94
CA THR A 149 -10.93 23.04 5.34
C THR A 149 -11.22 24.47 4.90
N LEU A 150 -12.18 24.69 3.99
CA LEU A 150 -12.54 26.05 3.62
C LEU A 150 -13.57 26.68 4.56
N GLU A 151 -14.09 25.93 5.54
CA GLU A 151 -15.05 26.51 6.46
C GLU A 151 -14.38 27.41 7.49
N ASN A 152 -15.08 28.46 7.88
CA ASN A 152 -14.53 29.44 8.81
C ASN A 152 -14.01 28.79 10.10
N SER A 153 -14.79 27.88 10.69
CA SER A 153 -14.36 27.29 11.96
C SER A 153 -13.04 26.53 11.80
N TYR A 154 -12.90 25.74 10.73
CA TYR A 154 -11.63 25.07 10.46
C TYR A 154 -10.50 26.08 10.37
N ILE A 155 -10.69 27.11 9.54
CA ILE A 155 -9.64 28.10 9.35
C ILE A 155 -9.32 28.80 10.66
N GLU A 156 -10.35 29.04 11.51
CA GLU A 156 -10.12 29.72 12.77
C GLU A 156 -9.21 28.91 13.71
N SER A 157 -9.35 27.59 13.70
CA SER A 157 -8.45 26.75 14.49
C SER A 157 -7.03 26.76 13.91
N VAL A 158 -6.91 26.82 12.58
CA VAL A 158 -5.58 26.90 11.97
C VAL A 158 -4.90 28.22 12.33
N TRP A 159 -5.64 29.33 12.26
CA TRP A 159 -5.14 30.63 12.73
C TRP A 159 -4.70 30.56 14.19
N ASN A 160 -5.49 29.87 15.03
CA ASN A 160 -5.11 29.79 16.44
C ASN A 160 -3.76 29.09 16.59
N VAL A 161 -3.54 27.99 15.85
CA VAL A 161 -2.24 27.32 15.89
C VAL A 161 -1.14 28.25 15.41
N LEU A 162 -1.36 28.90 14.26
CA LEU A 162 -0.35 29.78 13.70
C LEU A 162 -0.05 30.94 14.64
N GLY A 163 -1.07 31.49 15.30
CA GLY A 163 -0.81 32.59 16.21
C GLY A 163 -0.01 32.15 17.43
N THR A 164 -0.28 30.93 17.91
CA THR A 164 0.50 30.34 18.98
C THR A 164 1.96 30.17 18.57
N ILE A 165 2.20 29.70 17.34
CA ILE A 165 3.56 29.59 16.80
C ILE A 165 4.23 30.96 16.73
N HIS A 166 3.49 31.96 16.26
CA HIS A 166 4.03 33.30 16.20
C HIS A 166 4.40 33.82 17.58
N ASP A 167 3.58 33.51 18.59
CA ASP A 167 3.85 33.92 19.97
C ASP A 167 5.21 33.42 20.44
N LYS A 168 5.59 32.22 20.02
CA LYS A 168 6.86 31.62 20.37
C LYS A 168 8.03 32.17 19.57
N GLY A 169 7.80 33.16 18.71
CA GLY A 169 8.85 33.66 17.84
C GLY A 169 9.32 32.70 16.77
N LEU A 170 8.52 31.72 16.36
CA LEU A 170 8.98 30.73 15.40
C LEU A 170 8.47 30.97 13.97
N LEU A 171 7.81 32.10 13.71
CA LEU A 171 7.27 32.41 12.40
C LEU A 171 7.93 33.70 11.92
N TYR A 172 8.72 33.61 10.84
CA TYR A 172 9.57 34.74 10.45
C TYR A 172 9.58 34.89 8.94
N LYS A 173 10.02 36.08 8.48
CA LYS A 173 10.18 36.37 7.07
C LYS A 173 11.63 36.15 6.68
N GLY A 174 11.85 35.45 5.56
CA GLY A 174 13.19 35.07 5.17
C GLY A 174 13.32 34.87 3.68
N HIS A 175 14.42 34.26 3.24
CA HIS A 175 14.62 33.97 1.83
C HIS A 175 15.18 32.56 1.69
N ARG A 176 14.83 31.91 0.59
CA ARG A 176 15.40 30.61 0.26
C ARG A 176 15.68 30.55 -1.24
N VAL A 177 16.88 30.11 -1.57
CA VAL A 177 17.31 30.01 -2.97
C VAL A 177 16.76 28.71 -3.57
N SER A 178 16.27 28.78 -4.80
CA SER A 178 15.80 27.59 -5.50
C SER A 178 15.91 27.82 -6.99
N PRO A 179 15.92 26.75 -7.80
CA PRO A 179 15.80 26.93 -9.26
C PRO A 179 14.49 27.62 -9.57
N TYR A 180 14.52 28.50 -10.56
CA TYR A 180 13.45 29.48 -10.68
C TYR A 180 13.27 29.84 -12.14
N CYS A 181 12.02 29.88 -12.61
CA CYS A 181 11.78 30.38 -13.96
C CYS A 181 11.35 31.83 -13.87
N PRO A 182 12.06 32.76 -14.53
CA PRO A 182 11.67 34.18 -14.46
C PRO A 182 10.47 34.52 -15.33
N SER A 183 10.09 33.62 -16.25
CA SER A 183 8.93 33.82 -17.11
C SER A 183 7.64 33.39 -16.41
N CYS A 184 7.58 32.11 -16.01
CA CYS A 184 6.43 31.62 -15.25
C CYS A 184 6.38 32.17 -13.83
N GLN A 185 7.49 32.71 -13.32
CA GLN A 185 7.60 33.19 -11.94
C GLN A 185 7.24 32.08 -10.95
N THR A 186 8.00 30.98 -11.02
CA THR A 186 7.77 29.84 -10.14
C THR A 186 9.05 29.02 -9.98
N SER A 187 9.16 28.34 -8.82
CA SER A 187 10.29 27.46 -8.50
C SER A 187 10.05 26.05 -9.01
N LEU A 188 11.01 25.52 -9.76
CA LEU A 188 10.92 24.20 -10.36
C LEU A 188 11.61 23.16 -9.49
N SER A 189 11.15 21.92 -9.61
CA SER A 189 11.74 20.80 -8.88
C SER A 189 12.96 20.26 -9.62
N SER A 190 13.76 19.47 -8.89
CA SER A 190 14.92 18.84 -9.51
C SER A 190 14.51 17.99 -10.71
N HIS A 191 13.40 17.27 -10.59
CA HIS A 191 12.88 16.50 -11.72
C HIS A 191 12.47 17.43 -12.86
N GLU A 192 11.83 18.56 -12.53
CA GLU A 192 11.48 19.52 -13.57
C GLU A 192 12.72 20.12 -14.23
N VAL A 193 13.77 20.36 -13.43
CA VAL A 193 15.01 20.91 -13.98
C VAL A 193 15.70 19.89 -14.87
N ALA A 194 15.67 18.61 -14.47
CA ALA A 194 16.38 17.58 -15.23
C ALA A 194 15.75 17.37 -16.61
N GLN A 195 14.46 17.68 -16.76
CA GLN A 195 13.75 17.53 -18.02
C GLN A 195 14.11 18.58 -19.06
N GLY A 196 14.78 19.67 -18.68
CA GLY A 196 14.87 20.82 -19.56
C GLY A 196 16.25 21.36 -19.88
N TYR A 197 17.29 20.56 -19.67
CA TYR A 197 18.63 21.02 -20.02
C TYR A 197 18.75 21.26 -21.53
N LYS A 198 19.83 21.92 -21.91
CA LYS A 198 20.09 22.36 -23.27
C LYS A 198 21.51 22.91 -23.32
N ASP A 199 22.18 22.76 -24.46
CA ASP A 199 23.58 23.14 -24.60
C ASP A 199 23.70 24.59 -25.04
N VAL A 200 24.65 25.32 -24.44
CA VAL A 200 24.84 26.74 -24.72
C VAL A 200 26.32 27.10 -24.69
N LYS A 201 26.64 28.20 -25.37
CA LYS A 201 27.94 28.86 -25.29
C LYS A 201 27.76 30.21 -24.60
N ASP A 202 28.46 30.41 -23.48
CA ASP A 202 28.47 31.70 -22.78
C ASP A 202 29.86 31.97 -22.22
N LEU A 203 29.99 33.00 -21.39
CA LEU A 203 31.27 33.52 -20.92
C LEU A 203 31.52 33.20 -19.45
N THR A 204 32.73 32.77 -19.12
CA THR A 204 33.21 32.74 -17.75
C THR A 204 34.36 33.74 -17.62
N VAL A 205 34.49 34.35 -16.44
CA VAL A 205 35.47 35.41 -16.26
C VAL A 205 36.23 35.21 -14.95
N THR A 206 37.48 35.66 -14.95
CA THR A 206 38.31 35.78 -13.76
C THR A 206 38.43 37.26 -13.45
N VAL A 207 38.03 37.66 -12.25
CA VAL A 207 37.81 39.07 -11.89
C VAL A 207 38.80 39.49 -10.82
N LYS A 208 39.31 40.71 -10.91
CA LYS A 208 40.19 41.27 -9.88
C LYS A 208 39.40 41.99 -8.79
N PHE A 209 39.65 41.59 -7.55
CA PHE A 209 39.11 42.24 -6.34
C PHE A 209 40.29 42.87 -5.58
N LYS A 210 40.48 44.18 -5.74
CA LYS A 210 41.66 44.84 -5.19
C LYS A 210 41.67 44.82 -3.66
N VAL A 211 42.82 44.45 -3.08
CA VAL A 211 43.01 44.50 -1.64
C VAL A 211 43.14 45.95 -1.19
N LYS A 212 42.30 46.36 -0.23
CA LYS A 212 42.36 47.73 0.27
C LYS A 212 43.69 48.00 0.97
N ASN A 213 44.25 49.19 0.71
CA ASN A 213 45.49 49.71 1.34
C ASN A 213 46.69 48.80 1.06
N ARG A 214 46.71 48.20 -0.11
CA ARG A 214 47.90 47.56 -0.63
C ARG A 214 48.16 48.11 -2.01
N ASP A 215 49.42 48.03 -2.40
CA ASP A 215 49.86 48.46 -3.71
C ASP A 215 49.67 47.31 -4.70
N ASN A 216 48.68 47.46 -5.58
CA ASN A 216 48.50 46.62 -6.77
C ASN A 216 48.44 45.12 -6.46
N GLU A 217 47.69 44.76 -5.42
CA GLU A 217 47.38 43.36 -5.09
C GLU A 217 45.89 43.11 -5.17
N TYR A 218 45.53 41.92 -5.67
CA TYR A 218 44.14 41.59 -5.97
C TYR A 218 43.90 40.13 -5.64
N PHE A 219 42.78 39.83 -4.99
CA PHE A 219 42.22 38.49 -5.11
C PHE A 219 41.72 38.31 -6.53
N LEU A 220 41.88 37.10 -7.07
CA LEU A 220 41.24 36.71 -8.33
C LEU A 220 40.08 35.78 -8.02
N GLY A 221 38.90 36.13 -8.54
CA GLY A 221 37.73 35.26 -8.44
C GLY A 221 37.18 34.88 -9.81
N TRP A 222 36.88 33.60 -9.99
CA TRP A 222 36.35 33.05 -11.25
C TRP A 222 34.84 32.83 -11.14
N THR A 223 34.11 33.16 -12.20
CA THR A 223 32.65 32.97 -12.16
C THR A 223 32.10 32.63 -13.54
N THR A 224 31.06 31.78 -13.55
CA THR A 224 30.32 31.46 -14.77
C THR A 224 29.12 32.38 -14.98
N THR A 225 28.77 33.22 -14.00
CA THR A 225 27.58 34.08 -14.06
C THR A 225 28.00 35.51 -13.78
N PRO A 226 28.51 36.21 -14.79
CA PRO A 226 28.87 37.62 -14.60
C PRO A 226 27.77 38.47 -13.99
N TRP A 227 26.49 38.16 -14.27
CA TRP A 227 25.43 39.05 -13.81
C TRP A 227 25.26 39.03 -12.30
N THR A 228 25.82 38.06 -11.60
CA THR A 228 25.82 38.13 -10.15
C THR A 228 26.91 39.02 -9.58
N LEU A 229 27.86 39.52 -10.40
CA LEU A 229 28.95 40.33 -9.85
C LEU A 229 28.51 41.66 -9.22
N PRO A 230 27.55 42.42 -9.77
CA PRO A 230 27.15 43.66 -9.07
C PRO A 230 26.60 43.42 -7.67
N SER A 231 26.27 42.18 -7.33
CA SER A 231 25.67 41.80 -6.05
C SER A 231 26.67 41.07 -5.15
N ASN A 232 27.97 41.20 -5.43
CA ASN A 232 28.97 40.58 -4.58
C ASN A 232 28.87 41.09 -3.13
N VAL A 233 28.91 40.16 -2.19
CA VAL A 233 28.88 40.45 -0.77
C VAL A 233 30.15 39.96 -0.06
N ALA A 234 30.77 38.88 -0.55
CA ALA A 234 31.95 38.35 0.11
C ALA A 234 32.79 37.54 -0.87
N LEU A 235 34.03 37.21 -0.42
CA LEU A 235 34.88 36.21 -1.06
C LEU A 235 35.14 35.09 -0.07
N ALA A 236 34.94 33.84 -0.49
CA ALA A 236 35.19 32.71 0.39
C ALA A 236 36.44 31.97 -0.02
N VAL A 237 37.25 31.61 0.97
CA VAL A 237 38.38 30.71 0.79
C VAL A 237 38.19 29.54 1.75
N HIS A 238 38.99 28.50 1.54
CA HIS A 238 39.03 27.38 2.47
C HIS A 238 40.13 27.60 3.50
N GLU A 239 39.74 27.49 4.76
CA GLU A 239 40.56 27.64 5.95
C GLU A 239 41.92 26.97 5.85
N GLU A 240 41.97 25.77 5.26
CA GLU A 240 43.18 24.97 5.28
C GLU A 240 43.89 24.90 3.95
N MET A 241 43.29 25.42 2.86
CA MET A 241 43.95 25.38 1.56
C MET A 241 45.13 26.34 1.54
N SER A 242 46.10 26.05 0.69
CA SER A 242 47.27 26.91 0.54
C SER A 242 47.02 27.90 -0.59
N TYR A 243 47.39 29.17 -0.35
CA TYR A 243 47.24 30.25 -1.31
C TYR A 243 48.61 30.91 -1.50
N VAL A 244 48.85 31.44 -2.70
CA VAL A 244 50.08 32.18 -2.99
C VAL A 244 49.74 33.62 -3.32
N ARG A 245 50.68 34.51 -2.96
CA ARG A 245 50.78 35.83 -3.58
C ARG A 245 51.70 35.69 -4.79
N ALA A 246 51.14 35.82 -5.98
CA ALA A 246 51.85 35.57 -7.24
C ALA A 246 52.08 36.89 -7.96
N GLU A 247 53.33 37.20 -8.27
CA GLU A 247 53.64 38.44 -8.97
C GLU A 247 53.73 38.24 -10.47
N GLN A 248 53.08 39.14 -11.23
CA GLN A 248 53.17 39.19 -12.69
C GLN A 248 53.36 40.64 -13.09
N GLY A 249 54.53 40.99 -13.61
CA GLY A 249 54.78 42.40 -13.89
C GLY A 249 54.53 43.27 -12.66
N ASP A 250 53.63 44.24 -12.78
CA ASP A 250 53.44 45.22 -11.72
C ASP A 250 52.36 44.83 -10.71
N SER A 251 51.78 43.64 -10.80
CA SER A 251 50.66 43.29 -9.93
C SER A 251 50.92 41.97 -9.22
N VAL A 252 50.23 41.83 -8.10
CA VAL A 252 50.27 40.64 -7.27
C VAL A 252 48.85 40.07 -7.25
N TYR A 253 48.73 38.77 -7.49
CA TYR A 253 47.43 38.11 -7.46
C TYR A 253 47.41 37.01 -6.41
N ILE A 254 46.29 36.92 -5.70
CA ILE A 254 46.11 35.94 -4.64
C ILE A 254 45.14 34.89 -5.15
N VAL A 255 45.65 33.66 -5.28
CA VAL A 255 44.90 32.48 -5.72
C VAL A 255 45.45 31.27 -4.99
N ALA A 256 44.72 30.16 -5.10
CA ALA A 256 45.15 28.90 -4.49
C ALA A 256 46.43 28.39 -5.14
N GLU A 257 47.34 27.85 -4.32
CA GLU A 257 48.62 27.38 -4.84
C GLU A 257 48.41 26.32 -5.92
N ALA A 258 47.50 25.39 -5.70
CA ALA A 258 47.34 24.27 -6.63
C ALA A 258 46.66 24.68 -7.92
N LEU A 259 46.03 25.86 -7.98
CA LEU A 259 45.32 26.27 -9.19
C LEU A 259 46.04 27.39 -9.95
N ALA A 260 47.11 27.93 -9.38
CA ALA A 260 47.77 29.08 -9.98
C ALA A 260 48.27 28.79 -11.40
N ASP A 261 48.80 27.58 -11.64
CA ASP A 261 49.32 27.28 -12.98
C ASP A 261 48.22 27.24 -14.02
N LYS A 262 47.00 26.93 -13.61
CA LYS A 262 45.87 26.89 -14.55
C LYS A 262 45.26 28.26 -14.72
N VAL A 263 45.06 28.98 -13.61
CA VAL A 263 44.25 30.20 -13.60
C VAL A 263 45.06 31.41 -14.03
N LEU A 264 46.35 31.49 -13.68
CA LEU A 264 47.17 32.61 -14.11
C LEU A 264 47.66 32.37 -15.53
N LYS A 265 47.68 33.41 -16.35
CA LYS A 265 48.10 33.32 -17.73
C LYS A 265 49.52 33.86 -17.85
N GLY A 266 50.41 33.07 -18.43
CA GLY A 266 51.81 33.44 -18.40
C GLY A 266 52.47 33.08 -17.09
N GLU A 267 53.78 33.34 -17.02
CA GLU A 267 54.58 32.99 -15.85
C GLU A 267 54.25 33.91 -14.66
N TYR A 268 54.61 33.46 -13.46
CA TYR A 268 54.47 34.25 -12.24
C TYR A 268 55.57 33.82 -11.27
N SER A 269 55.93 34.75 -10.38
CA SER A 269 56.83 34.45 -9.27
C SER A 269 56.00 34.29 -8.01
N VAL A 270 56.35 33.31 -7.18
CA VAL A 270 55.68 33.16 -5.89
C VAL A 270 56.37 34.06 -4.88
N LEU A 271 55.63 35.04 -4.36
CA LEU A 271 56.19 35.93 -3.35
C LEU A 271 56.06 35.36 -1.96
N SER A 272 54.99 34.61 -1.68
CA SER A 272 54.73 34.13 -0.33
C SER A 272 53.57 33.13 -0.39
N HIS A 273 53.48 32.31 0.65
CA HIS A 273 52.46 31.29 0.83
C HIS A 273 51.64 31.62 2.07
N HIS A 274 50.36 31.23 2.05
CA HIS A 274 49.43 31.52 3.13
C HIS A 274 48.33 30.45 3.18
N LYS A 275 47.98 30.02 4.39
CA LYS A 275 46.74 29.27 4.57
C LYS A 275 45.53 30.21 4.44
N GLY A 276 44.41 29.66 4.01
CA GLY A 276 43.23 30.49 3.82
C GLY A 276 42.77 31.17 5.08
N ASN A 277 42.96 30.53 6.24
CA ASN A 277 42.60 31.19 7.49
C ASN A 277 43.37 32.48 7.70
N GLU A 278 44.55 32.64 7.11
CA GLU A 278 45.26 33.93 7.25
C GLU A 278 44.65 35.02 6.40
N LEU A 279 43.91 34.68 5.35
CA LEU A 279 43.25 35.67 4.51
C LEU A 279 41.92 36.14 5.09
N LYS A 280 41.37 35.44 6.08
CA LYS A 280 40.06 35.78 6.62
C LYS A 280 40.04 37.20 7.20
N GLY A 281 38.96 37.93 6.90
CA GLY A 281 38.83 39.29 7.35
C GLY A 281 39.50 40.34 6.47
N MET A 282 40.27 39.95 5.44
CA MET A 282 40.86 40.95 4.55
C MET A 282 39.79 41.69 3.75
N SER A 283 39.88 43.03 3.72
CA SER A 283 38.93 43.88 2.98
C SER A 283 39.36 44.04 1.54
N TYR A 284 38.38 44.08 0.64
CA TYR A 284 38.68 44.26 -0.77
C TYR A 284 37.64 45.19 -1.38
N GLU A 285 37.97 45.69 -2.57
CA GLU A 285 37.09 46.49 -3.40
C GLU A 285 36.30 45.61 -4.37
N PRO A 286 34.97 45.66 -4.35
CA PRO A 286 34.18 44.89 -5.31
C PRO A 286 34.27 45.52 -6.69
N PRO A 287 33.95 44.77 -7.74
CA PRO A 287 34.04 45.36 -9.09
C PRO A 287 32.98 46.41 -9.37
N PHE A 288 31.84 46.36 -8.69
CA PHE A 288 30.79 47.38 -8.78
C PHE A 288 30.49 47.87 -7.37
N ASN A 289 30.20 49.16 -7.21
CA ASN A 289 29.85 49.57 -5.85
C ASN A 289 28.56 50.35 -5.77
N PHE A 290 27.59 50.11 -6.65
CA PHE A 290 26.36 50.85 -6.44
C PHE A 290 25.35 50.14 -5.54
N VAL A 291 25.42 48.83 -5.33
CA VAL A 291 24.47 48.26 -4.37
C VAL A 291 25.07 48.31 -2.98
N LYS A 292 24.25 48.76 -2.05
CA LYS A 292 24.65 48.94 -0.67
C LYS A 292 24.78 47.58 0.00
N VAL A 293 25.96 47.26 0.52
CA VAL A 293 26.08 46.11 1.40
C VAL A 293 26.68 46.62 2.70
N GLU A 294 25.85 46.59 3.74
CA GLU A 294 26.18 47.22 5.01
C GLU A 294 27.30 46.47 5.71
N LYS A 295 27.26 45.14 5.70
CA LYS A 295 28.33 44.32 6.26
C LYS A 295 28.80 43.33 5.21
N GLY A 296 30.06 43.44 4.81
CA GLY A 296 30.58 42.53 3.80
C GLY A 296 31.86 43.09 3.19
N HIS A 297 32.13 42.61 1.97
CA HIS A 297 33.34 42.91 1.19
C HIS A 297 34.60 42.59 2.00
N GLU A 298 34.57 41.42 2.64
CA GLU A 298 35.73 40.86 3.32
C GLU A 298 35.82 39.40 2.93
N VAL A 299 37.02 38.84 3.08
CA VAL A 299 37.22 37.40 2.91
C VAL A 299 36.64 36.66 4.11
N VAL A 300 35.91 35.57 3.83
CA VAL A 300 35.44 34.63 4.84
C VAL A 300 35.99 33.25 4.50
N THR A 301 36.00 32.36 5.50
CA THR A 301 36.37 30.96 5.28
C THR A 301 35.13 30.08 5.30
N ALA A 302 35.10 29.09 4.41
CA ALA A 302 33.98 28.15 4.34
C ALA A 302 34.47 26.81 3.84
N ASP A 303 33.97 25.73 4.46
CA ASP A 303 34.49 24.40 4.19
C ASP A 303 34.18 23.90 2.79
N TYR A 304 33.17 24.45 2.11
CA TYR A 304 32.77 23.89 0.83
C TYR A 304 33.67 24.34 -0.32
N VAL A 305 34.53 25.33 -0.10
CA VAL A 305 35.49 25.78 -1.11
C VAL A 305 36.49 24.66 -1.37
N THR A 306 36.67 24.31 -2.64
CA THR A 306 37.52 23.20 -3.03
C THR A 306 38.68 23.71 -3.88
N ASP A 307 39.67 22.84 -4.07
CA ASP A 307 40.80 23.12 -4.92
C ASP A 307 40.63 22.61 -6.35
N GLN A 308 39.40 22.39 -6.81
CA GLN A 308 39.17 21.75 -8.09
C GLN A 308 38.44 22.62 -9.10
N SER A 309 38.16 23.89 -8.79
CA SER A 309 37.48 24.72 -9.77
C SER A 309 37.60 26.19 -9.37
N GLY A 310 37.56 27.05 -10.37
CA GLY A 310 37.80 28.45 -10.12
C GLY A 310 39.23 28.68 -9.68
N THR A 311 39.38 29.66 -8.80
CA THR A 311 40.69 30.10 -8.32
C THR A 311 40.98 29.65 -6.91
N GLY A 312 40.01 29.02 -6.23
CA GLY A 312 40.07 28.84 -4.79
C GLY A 312 39.54 30.02 -3.99
N VAL A 313 39.18 31.12 -4.65
CA VAL A 313 38.59 32.28 -3.99
C VAL A 313 37.24 32.53 -4.66
N VAL A 314 36.15 32.40 -3.90
CA VAL A 314 34.81 32.26 -4.49
C VAL A 314 33.98 33.51 -4.19
N HIS A 315 33.56 34.18 -5.27
CA HIS A 315 32.64 35.31 -5.22
C HIS A 315 31.27 34.85 -4.70
N LEU A 316 30.74 35.54 -3.69
CA LEU A 316 29.43 35.19 -3.11
C LEU A 316 28.40 36.29 -3.36
N ALA A 317 27.26 35.88 -3.91
CA ALA A 317 26.08 36.73 -4.10
C ALA A 317 24.92 35.97 -3.46
N PRO A 318 24.49 36.38 -2.26
CA PRO A 318 23.67 35.47 -1.42
C PRO A 318 22.28 35.16 -1.98
N ALA A 319 21.73 35.98 -2.88
CA ALA A 319 20.40 35.70 -3.43
C ALA A 319 20.42 34.73 -4.62
N TYR A 320 21.60 34.39 -5.15
CA TYR A 320 21.66 33.60 -6.39
C TYR A 320 22.43 32.30 -6.22
N GLY A 321 22.53 31.79 -5.00
CA GLY A 321 23.17 30.52 -4.74
C GLY A 321 22.92 30.05 -3.32
N GLU A 322 22.70 28.76 -3.15
CA GLU A 322 22.40 28.18 -1.84
C GLU A 322 23.61 28.22 -0.92
N ASP A 323 24.80 27.90 -1.44
CA ASP A 323 25.99 28.04 -0.61
C ASP A 323 26.24 29.50 -0.29
N ASP A 324 26.11 30.37 -1.31
CA ASP A 324 26.27 31.81 -1.08
C ASP A 324 25.40 32.28 0.06
N TYR A 325 24.12 31.89 0.03
CA TYR A 325 23.18 32.35 1.04
C TYR A 325 23.64 31.91 2.42
N ARG A 326 23.91 30.61 2.56
CA ARG A 326 24.31 30.04 3.85
C ARG A 326 25.55 30.72 4.41
N VAL A 327 26.57 30.90 3.57
CA VAL A 327 27.87 31.38 4.07
C VAL A 327 27.79 32.84 4.47
N VAL A 328 27.12 33.66 3.64
CA VAL A 328 26.90 35.06 4.00
C VAL A 328 26.21 35.16 5.36
N LYS A 329 25.15 34.37 5.55
CA LYS A 329 24.37 34.40 6.79
C LYS A 329 25.20 33.91 7.97
N GLU A 330 25.94 32.80 7.80
CA GLU A 330 26.84 32.30 8.83
C GLU A 330 27.80 33.37 9.33
N ASN A 331 28.14 34.33 8.49
CA ASN A 331 29.12 35.35 8.86
C ASN A 331 28.47 36.67 9.27
N GLY A 332 27.14 36.74 9.33
CA GLY A 332 26.52 37.99 9.71
C GLY A 332 26.64 39.07 8.67
N PHE A 333 26.76 38.71 7.40
CA PHE A 333 26.90 39.68 6.32
C PHE A 333 25.53 39.96 5.71
N SER A 334 25.44 41.08 5.01
CA SER A 334 24.15 41.57 4.53
C SER A 334 23.59 40.67 3.42
N PHE A 335 22.29 40.37 3.52
CA PHE A 335 21.57 39.79 2.39
C PHE A 335 21.12 40.92 1.47
N VAL A 336 21.38 40.77 0.19
CA VAL A 336 20.95 41.74 -0.81
C VAL A 336 20.38 40.96 -1.99
N ASN A 337 19.44 41.59 -2.70
CA ASN A 337 18.84 41.00 -3.91
C ASN A 337 18.49 42.14 -4.84
N VAL A 338 19.12 42.18 -6.00
CA VAL A 338 18.99 43.31 -6.92
C VAL A 338 18.27 42.89 -8.19
N VAL A 339 17.51 41.80 -8.13
CA VAL A 339 16.81 41.24 -9.28
C VAL A 339 15.34 41.04 -8.88
N ASP A 340 14.42 41.39 -9.79
CA ASP A 340 13.00 41.23 -9.45
C ASP A 340 12.51 39.84 -9.85
N GLU A 341 11.22 39.60 -9.66
CA GLU A 341 10.67 38.26 -9.86
C GLU A 341 10.65 37.87 -11.34
N LYS A 342 10.90 38.81 -12.25
CA LYS A 342 11.00 38.53 -13.68
C LYS A 342 12.44 38.32 -14.14
N GLY A 343 13.38 38.16 -13.20
CA GLY A 343 14.78 38.04 -13.58
C GLY A 343 15.39 39.33 -14.10
N GLN A 344 14.83 40.49 -13.75
CA GLN A 344 15.34 41.76 -14.25
C GLN A 344 15.99 42.55 -13.12
N TYR A 345 17.09 43.22 -13.44
CA TYR A 345 17.74 44.10 -12.48
C TYR A 345 16.75 45.16 -11.99
N THR A 346 16.78 45.41 -10.67
CA THR A 346 16.00 46.49 -10.08
C THR A 346 16.73 47.83 -10.25
N SER A 347 16.14 48.89 -9.71
CA SER A 347 16.79 50.20 -9.75
C SER A 347 18.09 50.25 -8.96
N GLU A 348 18.39 49.21 -8.17
CA GLU A 348 19.65 49.16 -7.43
C GLU A 348 20.87 48.95 -8.33
N VAL A 349 20.66 48.53 -9.58
CA VAL A 349 21.73 48.40 -10.56
C VAL A 349 21.39 49.36 -11.70
N PRO A 350 21.61 50.66 -11.53
CA PRO A 350 21.07 51.66 -12.46
C PRO A 350 21.47 51.41 -13.91
N PRO A 351 22.75 51.18 -14.24
CA PRO A 351 23.11 51.07 -15.67
C PRO A 351 22.50 49.86 -16.40
N PHE A 352 21.93 48.88 -15.71
CA PHE A 352 21.36 47.69 -16.35
C PHE A 352 19.90 47.49 -15.97
N GLN A 353 19.30 48.49 -15.32
CA GLN A 353 17.99 48.35 -14.70
C GLN A 353 16.93 47.95 -15.71
N GLY A 354 16.07 47.02 -15.31
CA GLY A 354 15.00 46.56 -16.15
C GLY A 354 15.35 45.49 -17.16
N ARG A 355 16.64 45.23 -17.40
CA ARG A 355 17.04 44.22 -18.37
C ARG A 355 17.15 42.84 -17.73
N PHE A 356 16.90 41.81 -18.52
CA PHE A 356 17.04 40.44 -18.06
C PHE A 356 18.51 40.17 -17.76
N VAL A 357 18.79 39.57 -16.58
CA VAL A 357 20.18 39.51 -16.11
C VAL A 357 21.07 38.76 -17.09
N LYS A 358 20.57 37.68 -17.69
CA LYS A 358 21.44 36.89 -18.57
C LYS A 358 21.77 37.65 -19.85
N ASP A 359 20.87 38.53 -20.29
CA ASP A 359 21.14 39.39 -21.43
C ASP A 359 22.22 40.42 -21.16
N CYS A 360 22.59 40.63 -19.90
CA CYS A 360 23.58 41.66 -19.55
C CYS A 360 24.99 41.13 -19.43
N ASP A 361 25.20 39.81 -19.54
CA ASP A 361 26.51 39.21 -19.33
C ASP A 361 27.59 39.86 -20.18
N VAL A 362 27.30 40.06 -21.48
CA VAL A 362 28.30 40.64 -22.37
C VAL A 362 28.68 42.05 -21.93
N ASP A 363 27.66 42.87 -21.65
CA ASP A 363 27.90 44.26 -21.24
C ASP A 363 28.68 44.34 -19.93
N ILE A 364 28.45 43.39 -19.02
CA ILE A 364 29.21 43.40 -17.77
C ILE A 364 30.68 43.07 -18.03
N VAL A 365 30.93 42.11 -18.93
CA VAL A 365 32.33 41.75 -19.22
C VAL A 365 33.05 42.91 -19.90
N ARG A 366 32.35 43.64 -20.79
CA ARG A 366 32.94 44.85 -21.37
C ARG A 366 33.21 45.89 -20.30
N TYR A 367 32.34 45.98 -19.30
CA TYR A 367 32.57 46.94 -18.22
C TYR A 367 33.78 46.56 -17.39
N LEU A 368 33.88 45.29 -17.00
CA LEU A 368 35.05 44.82 -16.26
C LEU A 368 36.34 45.12 -17.01
N ALA A 369 36.37 44.82 -18.32
CA ALA A 369 37.56 45.09 -19.12
C ALA A 369 37.83 46.58 -19.19
N ASN A 370 36.77 47.38 -19.35
CA ASN A 370 36.93 48.83 -19.42
C ASN A 370 37.42 49.40 -18.10
N GLN A 371 37.15 48.75 -16.98
CA GLN A 371 37.52 49.24 -15.67
C GLN A 371 38.81 48.60 -15.15
N ASP A 372 39.47 47.78 -15.97
CA ASP A 372 40.74 47.14 -15.63
C ASP A 372 40.61 46.15 -14.48
N VAL A 373 39.47 45.48 -14.35
CA VAL A 373 39.31 44.45 -13.33
C VAL A 373 39.02 43.08 -13.94
N LEU A 374 39.14 42.96 -15.26
CA LEU A 374 38.96 41.66 -15.91
C LEU A 374 40.33 41.04 -16.11
N TYR A 375 40.61 39.97 -15.36
CA TYR A 375 41.91 39.33 -15.51
C TYR A 375 41.96 38.43 -16.72
N HIS A 376 40.87 37.69 -16.97
CA HIS A 376 40.77 36.73 -18.06
C HIS A 376 39.31 36.41 -18.33
N LYS A 377 39.01 36.15 -19.59
CA LYS A 377 37.71 35.66 -20.01
C LYS A 377 37.91 34.47 -20.96
N GLU A 378 36.93 33.58 -20.99
CA GLU A 378 36.97 32.52 -21.99
C GLU A 378 35.56 32.11 -22.37
N LYS A 379 35.43 31.63 -23.62
CA LYS A 379 34.20 31.02 -24.13
C LYS A 379 33.93 29.71 -23.41
N HIS A 380 32.68 29.50 -23.03
CA HIS A 380 32.29 28.36 -22.20
C HIS A 380 31.17 27.60 -22.90
N GLU A 381 31.41 26.35 -23.23
CA GLU A 381 30.41 25.50 -23.86
C GLU A 381 30.00 24.43 -22.86
N HIS A 382 28.73 24.42 -22.50
CA HIS A 382 28.22 23.55 -21.44
C HIS A 382 26.71 23.52 -21.55
N SER A 383 26.10 22.64 -20.76
CA SER A 383 24.65 22.47 -20.72
C SER A 383 24.07 23.28 -19.58
N TYR A 384 22.95 23.96 -19.86
CA TYR A 384 22.30 24.86 -18.94
C TYR A 384 20.82 24.51 -18.84
N PRO A 385 20.25 24.55 -17.63
CA PRO A 385 18.84 24.16 -17.47
C PRO A 385 17.89 25.22 -17.99
N PHE A 386 16.85 24.78 -18.70
CA PHE A 386 15.80 25.67 -19.18
C PHE A 386 14.46 25.22 -18.65
N CYS A 387 13.46 26.08 -18.84
CA CYS A 387 12.11 25.82 -18.37
C CYS A 387 11.38 24.97 -19.42
N TRP A 388 11.08 23.71 -19.06
CA TRP A 388 10.29 22.86 -19.95
C TRP A 388 9.03 23.58 -20.43
N ARG A 389 8.46 24.45 -19.59
CA ARG A 389 7.19 25.08 -19.87
C ARG A 389 7.29 26.29 -20.79
N CYS A 390 8.48 26.93 -20.91
CA CYS A 390 8.62 28.01 -21.87
C CYS A 390 10.01 28.13 -22.48
N ASP A 391 10.93 27.20 -22.19
CA ASP A 391 12.36 27.29 -22.48
C ASP A 391 12.95 28.70 -22.29
N SER A 392 12.46 29.43 -21.30
CA SER A 392 13.27 30.50 -20.73
C SER A 392 14.42 29.88 -19.93
N PRO A 393 15.60 30.47 -19.95
CA PRO A 393 16.66 29.99 -19.06
C PRO A 393 16.20 30.08 -17.60
N LEU A 394 16.63 29.12 -16.78
CA LEU A 394 16.33 29.18 -15.36
C LEU A 394 17.37 30.04 -14.63
N LEU A 395 17.11 30.28 -13.35
CA LEU A 395 18.03 31.02 -12.49
C LEU A 395 17.99 30.42 -11.10
N TYR A 396 19.10 30.53 -10.38
CA TYR A 396 19.08 30.33 -8.95
C TYR A 396 18.59 31.64 -8.31
N TYR A 397 17.47 31.58 -7.61
CA TYR A 397 16.85 32.81 -7.15
C TYR A 397 16.21 32.63 -5.79
N ALA A 398 16.35 33.65 -4.93
CA ALA A 398 15.76 33.65 -3.60
C ALA A 398 14.52 34.55 -3.61
N ASN A 399 13.35 33.95 -3.45
CA ASN A 399 12.14 34.73 -3.20
C ASN A 399 12.03 35.04 -1.72
N GLU A 400 11.42 36.17 -1.40
CA GLU A 400 11.08 36.43 0.00
C GLU A 400 9.82 35.66 0.35
N SER A 401 9.77 35.14 1.58
CA SER A 401 8.79 34.14 1.95
C SER A 401 8.70 34.10 3.46
N TRP A 402 7.63 33.51 3.98
CA TRP A 402 7.48 33.28 5.42
C TRP A 402 7.85 31.83 5.76
N PHE A 403 8.50 31.65 6.91
CA PHE A 403 9.01 30.36 7.35
C PHE A 403 8.55 30.08 8.77
N ILE A 404 8.34 28.80 9.08
CA ILE A 404 8.23 28.36 10.46
C ILE A 404 9.54 27.71 10.84
N GLN A 405 10.13 28.13 11.97
CA GLN A 405 11.46 27.66 12.36
C GLN A 405 11.37 26.28 13.01
N THR A 406 10.96 25.28 12.21
CA THR A 406 10.84 23.93 12.74
C THR A 406 12.19 23.40 13.24
N THR A 407 13.31 23.85 12.65
CA THR A 407 14.61 23.40 13.10
C THR A 407 14.87 23.76 14.56
N ALA A 408 14.23 24.81 15.07
CA ALA A 408 14.36 25.15 16.48
C ALA A 408 13.87 24.02 17.38
N LEU A 409 13.03 23.11 16.87
CA LEU A 409 12.48 22.01 17.66
C LEU A 409 12.93 20.65 17.14
N LYS A 410 14.02 20.62 16.38
CA LYS A 410 14.45 19.37 15.76
C LYS A 410 14.55 18.25 16.78
N GLU A 411 15.05 18.54 17.98
CA GLU A 411 15.22 17.49 18.97
C GLU A 411 13.88 16.92 19.42
N GLN A 412 12.86 17.77 19.54
CA GLN A 412 11.53 17.25 19.85
C GLN A 412 10.96 16.42 18.70
N PHE A 413 11.20 16.83 17.44
CA PHE A 413 10.75 16.01 16.30
C PHE A 413 11.30 14.60 16.42
N LEU A 414 12.61 14.50 16.68
CA LEU A 414 13.26 13.20 16.70
C LEU A 414 12.73 12.35 17.85
N LYS A 415 12.53 12.97 19.01
CA LYS A 415 12.00 12.25 20.16
C LYS A 415 10.60 11.72 19.88
N ASN A 416 9.77 12.55 19.25
CA ASN A 416 8.41 12.12 18.96
C ASN A 416 8.39 10.97 17.95
N ASN A 417 9.21 11.07 16.90
CA ASN A 417 9.34 9.98 15.95
C ASN A 417 9.78 8.69 16.62
N GLU A 418 10.71 8.77 17.57
CA GLU A 418 11.15 7.57 18.29
C GLU A 418 9.99 6.84 18.97
N SER A 419 8.94 7.56 19.35
CA SER A 419 7.79 6.94 19.98
C SER A 419 6.84 6.26 19.00
N VAL A 420 7.05 6.41 17.70
CA VAL A 420 6.11 5.90 16.70
C VAL A 420 6.52 4.49 16.27
N LYS A 421 5.53 3.59 16.15
CA LYS A 421 5.74 2.31 15.51
C LYS A 421 5.40 2.43 14.02
N TRP A 422 6.39 2.25 13.17
CA TRP A 422 6.21 2.35 11.72
C TRP A 422 6.09 0.97 11.09
N TYR A 423 5.27 0.87 10.05
CA TYR A 423 5.14 -0.36 9.27
C TYR A 423 5.39 -0.02 7.81
N PRO A 424 6.47 -0.50 7.20
CA PRO A 424 7.43 -1.42 7.83
C PRO A 424 8.44 -0.67 8.72
N ASP A 425 9.15 -1.42 9.56
CA ASP A 425 9.95 -0.81 10.62
C ASP A 425 11.02 0.14 10.08
N HIS A 426 11.60 -0.18 8.93
CA HIS A 426 12.77 0.59 8.49
C HIS A 426 12.43 2.03 8.09
N ILE A 427 11.15 2.36 7.86
CA ILE A 427 10.83 3.76 7.58
C ILE A 427 11.22 4.67 8.76
N LYS A 428 11.12 4.16 9.98
CA LYS A 428 11.28 5.01 11.15
C LYS A 428 12.63 5.72 11.14
N HIS A 429 13.72 4.97 11.01
CA HIS A 429 15.05 5.58 10.93
C HIS A 429 15.58 5.66 9.51
N GLY A 430 14.80 5.21 8.53
CA GLY A 430 15.15 5.37 7.13
C GLY A 430 14.46 6.57 6.49
N ARG A 431 13.53 6.32 5.55
CA ARG A 431 12.94 7.40 4.76
C ARG A 431 12.46 8.55 5.64
N PHE A 432 11.74 8.25 6.72
CA PHE A 432 11.20 9.34 7.53
C PHE A 432 12.26 9.94 8.45
N GLY A 433 12.92 9.10 9.26
CA GLY A 433 13.90 9.62 10.21
C GLY A 433 14.98 10.45 9.57
N LYS A 434 15.44 10.03 8.38
CA LYS A 434 16.50 10.76 7.68
C LYS A 434 15.97 12.08 7.11
N PHE A 435 14.71 12.10 6.70
CA PHE A 435 14.11 13.38 6.33
C PHE A 435 14.12 14.35 7.53
N LEU A 436 13.79 13.86 8.73
CA LEU A 436 13.86 14.73 9.92
C LEU A 436 15.29 15.19 10.20
N GLU A 437 16.25 14.26 10.09
CA GLU A 437 17.64 14.58 10.39
C GLU A 437 18.16 15.70 9.48
N ASN A 438 17.69 15.76 8.24
CA ASN A 438 18.09 16.79 7.30
C ASN A 438 17.08 17.92 7.20
N MET A 439 16.29 18.13 8.26
CA MET A 439 15.22 19.13 8.26
C MET A 439 15.72 20.53 7.91
N VAL A 440 14.95 21.24 7.08
CA VAL A 440 15.09 22.68 6.92
C VAL A 440 13.78 23.32 7.37
N ASP A 441 13.80 24.63 7.57
CA ASP A 441 12.61 25.31 8.07
C ASP A 441 11.47 25.25 7.04
N TRP A 442 10.24 25.32 7.55
CA TRP A 442 9.04 25.10 6.76
C TRP A 442 8.69 26.39 6.04
N ASN A 443 8.87 26.41 4.73
CA ASN A 443 8.46 27.54 3.91
C ASN A 443 6.95 27.52 3.80
N ILE A 444 6.27 28.40 4.53
CA ILE A 444 4.83 28.27 4.78
C ILE A 444 3.95 29.13 3.87
N SER A 445 4.47 30.19 3.28
CA SER A 445 3.61 31.12 2.55
C SER A 445 3.50 30.73 1.08
N ARG A 446 2.37 31.10 0.46
CA ARG A 446 2.15 30.87 -0.96
C ARG A 446 1.52 32.13 -1.56
N LYS A 447 2.01 32.54 -2.72
CA LYS A 447 1.57 33.77 -3.39
C LYS A 447 0.43 33.46 -4.34
N ARG A 448 -0.73 33.13 -3.77
CA ARG A 448 -1.90 32.86 -4.58
C ARG A 448 -3.13 33.33 -3.81
N TYR A 449 -4.30 33.21 -4.45
CA TYR A 449 -5.52 33.79 -3.93
C TYR A 449 -6.36 32.83 -3.09
N TRP A 450 -6.41 31.56 -3.47
CA TRP A 450 -7.23 30.56 -2.80
C TRP A 450 -6.38 29.83 -1.77
N GLY A 451 -6.80 29.87 -0.52
CA GLY A 451 -6.09 29.18 0.53
C GLY A 451 -6.36 29.83 1.87
N THR A 452 -5.90 29.16 2.92
CA THR A 452 -5.98 29.76 4.25
C THR A 452 -5.11 31.01 4.29
N PRO A 453 -5.67 32.18 4.55
CA PRO A 453 -4.85 33.40 4.64
C PRO A 453 -3.85 33.31 5.79
N LEU A 454 -2.61 33.67 5.50
CA LEU A 454 -1.63 33.81 6.58
C LEU A 454 -2.02 34.96 7.49
N ASN A 455 -2.27 34.68 8.76
CA ASN A 455 -2.86 35.64 9.67
C ASN A 455 -1.78 36.49 10.36
N VAL A 456 -0.95 37.15 9.56
CA VAL A 456 0.04 38.08 10.11
C VAL A 456 -0.22 39.46 9.51
N TRP A 457 -0.46 40.44 10.38
CA TRP A 457 -0.61 41.84 10.04
C TRP A 457 0.68 42.58 10.43
N GLU A 458 1.15 43.46 9.54
CA GLU A 458 2.37 44.24 9.78
C GLU A 458 2.07 45.74 9.76
N CYS A 459 2.53 46.44 10.80
CA CYS A 459 2.30 47.89 10.89
C CYS A 459 3.08 48.63 9.81
N GLU A 460 2.38 49.46 9.01
CA GLU A 460 3.07 50.21 7.97
C GLU A 460 4.05 51.23 8.54
N GLY A 461 3.87 51.63 9.80
CA GLY A 461 4.78 52.54 10.45
C GLY A 461 6.08 51.90 10.89
N CYS A 462 6.00 50.90 11.78
CA CYS A 462 7.20 50.35 12.42
C CYS A 462 7.42 48.86 12.14
N GLN A 463 6.63 48.23 11.27
CA GLN A 463 6.76 46.84 10.86
C GLN A 463 6.43 45.85 11.97
N HIS A 464 5.96 46.30 13.14
CA HIS A 464 5.49 45.38 14.18
C HIS A 464 4.46 44.39 13.62
N GLN A 465 4.45 43.17 14.19
CA GLN A 465 3.61 42.07 13.73
C GLN A 465 2.55 41.73 14.79
N VAL A 466 1.29 41.59 14.35
CA VAL A 466 0.23 41.02 15.19
C VAL A 466 -0.38 39.86 14.42
N ALA A 467 -0.66 38.74 15.13
CA ALA A 467 -1.21 37.52 14.52
C ALA A 467 -2.50 37.11 15.22
N PRO A 468 -3.66 37.54 14.74
CA PRO A 468 -4.92 37.22 15.44
C PRO A 468 -5.16 35.71 15.50
N LYS A 469 -5.49 35.22 16.70
CA LYS A 469 -5.73 33.79 16.87
C LYS A 469 -7.15 33.38 16.52
N SER A 470 -8.04 34.34 16.30
CA SER A 470 -9.46 34.06 16.23
C SER A 470 -10.18 35.22 15.57
N ILE A 471 -11.46 35.01 15.28
CA ILE A 471 -12.26 36.11 14.75
C ILE A 471 -12.40 37.19 15.82
N LYS A 472 -12.54 36.79 17.08
CA LYS A 472 -12.68 37.78 18.14
C LYS A 472 -11.47 38.70 18.23
N GLU A 473 -10.25 38.12 18.13
CA GLU A 473 -9.05 38.94 18.17
C GLU A 473 -8.93 39.83 16.94
N LEU A 474 -9.36 39.32 15.77
CA LEU A 474 -9.34 40.14 14.57
C LEU A 474 -10.25 41.35 14.74
N GLN A 475 -11.46 41.11 15.24
CA GLN A 475 -12.44 42.17 15.47
C GLN A 475 -11.96 43.15 16.54
N LYS A 476 -11.28 42.65 17.57
CA LYS A 476 -10.86 43.50 18.68
C LYS A 476 -9.78 44.48 18.25
N HIS A 477 -8.85 44.01 17.42
CA HIS A 477 -7.71 44.82 17.02
C HIS A 477 -7.98 45.64 15.78
N ALA A 478 -9.09 45.40 15.08
CA ALA A 478 -9.32 46.08 13.81
C ALA A 478 -9.57 47.56 14.05
N SER A 479 -8.96 48.41 13.23
CA SER A 479 -9.16 49.85 13.32
C SER A 479 -10.52 50.30 12.83
N HIS A 480 -11.36 49.36 12.42
N HIS A 480 -11.36 49.39 12.33
CA HIS A 480 -12.71 49.61 11.91
CA HIS A 480 -12.74 49.69 11.96
C HIS A 480 -13.60 48.48 12.36
C HIS A 480 -13.59 48.48 12.31
N TYR A 481 -14.90 48.63 12.18
CA TYR A 481 -15.81 47.54 12.50
C TYR A 481 -15.57 46.33 11.59
N VAL A 482 -15.74 45.12 12.15
CA VAL A 482 -15.64 43.85 11.43
C VAL A 482 -16.80 42.98 11.89
N ASP A 483 -17.67 42.61 10.94
CA ASP A 483 -18.89 41.88 11.25
C ASP A 483 -18.59 40.45 11.70
N ASP A 484 -19.50 39.89 12.52
CA ASP A 484 -19.30 38.50 12.97
C ASP A 484 -19.17 37.55 11.79
N SER A 485 -19.74 37.90 10.64
CA SER A 485 -19.87 37.00 9.51
C SER A 485 -18.66 37.02 8.58
N ILE A 486 -17.59 37.72 8.97
CA ILE A 486 -16.42 37.89 8.10
C ILE A 486 -15.91 36.51 7.67
N GLU A 487 -15.70 36.35 6.37
CA GLU A 487 -15.20 35.11 5.81
C GLU A 487 -13.68 35.13 5.86
N LEU A 488 -13.08 34.07 6.40
CA LEU A 488 -11.62 33.99 6.58
C LEU A 488 -10.92 33.53 5.28
N HIS A 489 -11.16 34.30 4.21
CA HIS A 489 -10.50 34.12 2.92
C HIS A 489 -10.14 35.50 2.37
N LYS A 490 -9.19 35.52 1.45
CA LYS A 490 -9.04 36.65 0.55
C LYS A 490 -10.28 36.75 -0.34
N PRO A 491 -10.70 37.97 -0.70
CA PRO A 491 -10.10 39.25 -0.34
C PRO A 491 -10.63 39.84 0.97
N TYR A 492 -11.61 39.18 1.59
CA TYR A 492 -12.33 39.77 2.72
C TYR A 492 -11.37 40.18 3.82
N VAL A 493 -10.40 39.33 4.14
CA VAL A 493 -9.45 39.66 5.21
C VAL A 493 -8.39 40.66 4.76
N ASP A 494 -8.19 40.85 3.45
CA ASP A 494 -7.24 41.88 3.03
C ASP A 494 -7.80 43.28 3.24
N ASP A 495 -9.12 43.40 3.33
CA ASP A 495 -9.76 44.69 3.62
C ASP A 495 -9.83 45.00 5.12
N VAL A 496 -9.31 44.13 5.98
CA VAL A 496 -9.28 44.39 7.41
C VAL A 496 -7.90 44.93 7.78
N GLN A 497 -7.86 46.12 8.37
CA GLN A 497 -6.65 46.69 8.94
C GLN A 497 -6.73 46.77 10.47
N LEU A 498 -5.59 46.65 11.12
CA LEU A 498 -5.54 46.70 12.58
C LEU A 498 -4.80 47.94 13.05
N THR A 499 -5.04 48.27 14.31
CA THR A 499 -4.36 49.35 15.01
C THR A 499 -3.11 48.79 15.66
N CYS A 500 -1.94 49.31 15.27
CA CYS A 500 -0.67 48.81 15.78
C CYS A 500 -0.55 49.07 17.28
N PRO A 501 -0.38 48.05 18.11
CA PRO A 501 -0.30 48.28 19.56
C PRO A 501 0.93 49.07 19.99
N VAL A 502 1.95 49.15 19.15
CA VAL A 502 3.15 49.90 19.48
C VAL A 502 2.94 51.39 19.25
N CYS A 503 2.63 51.77 18.02
CA CYS A 503 2.57 53.16 17.63
C CYS A 503 1.18 53.62 17.20
N SER A 504 0.18 52.75 17.26
CA SER A 504 -1.20 53.03 16.84
C SER A 504 -1.32 53.34 15.34
N GLY A 505 -0.28 53.05 14.53
CA GLY A 505 -0.42 53.13 13.09
C GLY A 505 -1.23 51.98 12.50
N GLU A 506 -1.49 52.05 11.19
CA GLU A 506 -2.28 51.03 10.52
C GLU A 506 -1.46 49.79 10.19
N MET A 507 -2.01 48.62 10.50
CA MET A 507 -1.39 47.34 10.15
C MET A 507 -2.14 46.73 8.98
N LYS A 508 -1.39 46.17 8.03
CA LYS A 508 -1.96 45.52 6.85
C LYS A 508 -1.55 44.05 6.82
N ARG A 509 -2.46 43.19 6.39
CA ARG A 509 -2.17 41.77 6.34
C ARG A 509 -1.14 41.47 5.25
N THR A 510 -0.19 40.59 5.57
CA THR A 510 0.68 40.06 4.53
C THR A 510 -0.20 39.35 3.49
N PRO A 511 0.12 39.46 2.20
CA PRO A 511 -0.87 39.06 1.18
C PRO A 511 -1.02 37.55 0.97
N GLU A 512 -0.10 36.73 1.46
CA GLU A 512 -0.03 35.32 1.06
C GLU A 512 -1.10 34.46 1.75
N VAL A 513 -1.32 33.27 1.18
CA VAL A 513 -2.06 32.21 1.86
C VAL A 513 -1.00 31.22 2.34
N ILE A 514 -1.38 30.14 3.04
CA ILE A 514 -0.41 29.18 3.59
C ILE A 514 -0.43 27.86 2.80
N ASP A 515 0.70 27.16 2.87
CA ASP A 515 0.87 25.82 2.33
C ASP A 515 -0.30 24.93 2.70
N VAL A 516 -0.88 24.26 1.69
CA VAL A 516 -2.01 23.38 1.95
C VAL A 516 -1.62 22.25 2.88
N TRP A 517 -0.33 21.85 2.92
CA TRP A 517 0.08 20.82 3.87
C TRP A 517 -0.09 21.28 5.32
N PHE A 518 -0.09 22.59 5.58
CA PHE A 518 -0.38 23.05 6.94
C PHE A 518 -1.85 22.85 7.31
N ASP A 519 -2.78 23.15 6.38
CA ASP A 519 -4.21 22.85 6.61
C ASP A 519 -4.42 21.40 7.02
N SER A 520 -3.93 20.45 6.21
CA SER A 520 -4.20 19.03 6.48
C SER A 520 -3.42 18.52 7.68
N GLY A 521 -2.19 19.01 7.91
CA GLY A 521 -1.49 18.68 9.15
C GLY A 521 -2.16 19.20 10.40
N SER A 522 -3.02 20.21 10.26
CA SER A 522 -3.78 20.77 11.38
C SER A 522 -5.07 20.02 11.71
N MET A 523 -5.42 18.96 10.96
CA MET A 523 -6.73 18.35 11.15
C MET A 523 -6.97 17.79 12.54
N PRO A 524 -5.97 17.34 13.35
CA PRO A 524 -6.33 16.84 14.67
C PRO A 524 -6.92 17.91 15.57
N PHE A 525 -6.53 19.16 15.36
CA PHE A 525 -7.00 20.30 16.14
C PHE A 525 -8.16 21.02 15.47
N ALA A 526 -8.15 21.13 14.15
CA ALA A 526 -9.16 21.94 13.46
C ALA A 526 -10.42 21.18 13.13
N GLN A 527 -10.36 19.84 13.02
CA GLN A 527 -11.54 19.06 12.65
C GLN A 527 -12.71 19.28 13.60
N TYR A 528 -12.44 19.55 14.88
CA TYR A 528 -13.49 19.79 15.87
C TYR A 528 -13.50 21.24 16.38
N HIS A 529 -12.83 22.17 15.67
CA HIS A 529 -12.84 23.59 16.04
C HIS A 529 -12.28 23.80 17.45
N TYR A 530 -11.23 23.05 17.77
CA TYR A 530 -10.50 23.17 19.03
C TYR A 530 -9.57 24.38 18.99
N PRO A 531 -9.41 25.13 20.13
CA PRO A 531 -9.99 24.99 21.47
C PRO A 531 -11.29 25.73 21.70
N PHE A 532 -11.85 26.32 20.64
CA PHE A 532 -13.06 27.13 20.77
C PHE A 532 -14.26 26.29 21.21
N GLU A 533 -14.35 25.04 20.75
CA GLU A 533 -15.38 24.13 21.23
C GLU A 533 -14.79 22.74 21.32
N ASN A 534 -15.62 21.80 21.80
CA ASN A 534 -15.34 20.36 21.74
C ASN A 534 -14.05 19.94 22.41
N SER A 535 -13.74 20.53 23.58
CA SER A 535 -12.45 20.17 24.18
C SER A 535 -12.43 18.72 24.67
N GLU A 536 -13.54 18.22 25.23
CA GLU A 536 -13.57 16.80 25.64
C GLU A 536 -13.44 15.86 24.44
N LEU A 537 -14.17 16.15 23.36
CA LEU A 537 -14.11 15.30 22.18
C LEU A 537 -12.72 15.31 21.57
N PHE A 538 -12.11 16.50 21.45
CA PHE A 538 -10.74 16.59 20.97
C PHE A 538 -9.80 15.73 21.81
N GLN A 539 -9.87 15.89 23.13
CA GLN A 539 -8.89 15.19 23.97
C GLN A 539 -9.06 13.69 23.86
N LYS A 540 -10.30 13.24 23.70
CA LYS A 540 -10.56 11.81 23.54
C LYS A 540 -10.06 11.31 22.17
N GLN A 541 -10.00 12.19 21.19
CA GLN A 541 -9.61 11.87 19.82
C GLN A 541 -8.20 12.39 19.52
N PHE A 542 -7.32 12.30 20.51
CA PHE A 542 -5.94 12.74 20.33
C PHE A 542 -5.08 11.99 21.34
N PRO A 543 -3.95 11.39 20.90
CA PRO A 543 -3.47 11.34 19.52
C PRO A 543 -4.10 10.16 18.79
N ALA A 544 -3.82 9.97 17.50
CA ALA A 544 -4.35 8.81 16.80
C ALA A 544 -3.58 7.55 17.18
N ASP A 545 -4.33 6.47 17.40
CA ASP A 545 -3.70 5.16 17.56
C ASP A 545 -3.05 4.66 16.27
N VAL A 546 -3.57 5.04 15.10
CA VAL A 546 -3.03 4.54 13.84
C VAL A 546 -3.47 5.49 12.72
N ILE A 547 -2.59 5.67 11.74
CA ILE A 547 -2.98 6.21 10.45
C ILE A 547 -2.47 5.24 9.39
N ALA A 548 -3.07 5.33 8.20
CA ALA A 548 -2.75 4.41 7.10
C ALA A 548 -2.88 5.19 5.79
N GLU A 549 -1.73 5.59 5.21
CA GLU A 549 -1.72 6.33 3.94
C GLU A 549 -0.50 5.88 3.14
N GLY A 550 -0.38 6.38 1.91
CA GLY A 550 0.73 5.99 1.07
C GLY A 550 2.07 6.42 1.64
N ILE A 551 3.11 5.67 1.27
CA ILE A 551 4.46 6.05 1.67
C ILE A 551 4.84 7.37 1.03
N ASP A 552 4.12 7.79 -0.01
CA ASP A 552 4.44 9.11 -0.53
C ASP A 552 4.07 10.20 0.45
N GLN A 553 3.40 9.88 1.56
CA GLN A 553 3.15 10.90 2.58
C GLN A 553 4.33 11.09 3.54
N THR A 554 5.46 10.42 3.29
N THR A 554 5.48 10.45 3.32
CA THR A 554 6.65 10.59 4.13
CA THR A 554 6.61 10.65 4.24
C THR A 554 7.02 12.05 4.28
C THR A 554 7.00 12.11 4.31
N ARG A 555 7.11 12.77 3.16
CA ARG A 555 7.36 14.20 3.15
C ARG A 555 6.07 15.00 3.03
N GLY A 556 4.92 14.31 2.97
CA GLY A 556 3.64 14.99 2.95
C GLY A 556 2.91 14.95 4.28
N TRP A 557 1.76 14.27 4.31
CA TRP A 557 0.89 14.37 5.49
C TRP A 557 1.56 13.76 6.73
N PHE A 558 2.34 12.69 6.56
CA PHE A 558 3.03 12.15 7.75
C PHE A 558 3.91 13.22 8.39
N TYR A 559 4.58 14.02 7.57
CA TYR A 559 5.43 15.08 8.08
C TYR A 559 4.62 16.28 8.57
N SER A 560 3.62 16.73 7.81
CA SER A 560 2.90 17.92 8.26
C SER A 560 2.10 17.65 9.53
N LEU A 561 1.51 16.45 9.69
CA LEU A 561 0.90 16.12 10.98
C LEU A 561 1.93 16.24 12.11
N MET A 562 3.09 15.58 11.96
CA MET A 562 4.08 15.63 13.02
C MET A 562 4.55 17.07 13.28
N ALA A 563 4.76 17.85 12.24
CA ALA A 563 5.28 19.21 12.41
C ALA A 563 4.26 20.12 13.10
N VAL A 564 3.01 20.15 12.61
CA VAL A 564 2.03 21.00 13.25
C VAL A 564 1.85 20.62 14.72
N SER A 565 1.72 19.32 15.00
CA SER A 565 1.48 18.91 16.39
C SER A 565 2.70 19.17 17.27
N THR A 566 3.91 18.96 16.74
CA THR A 566 5.10 19.26 17.53
C THR A 566 5.18 20.75 17.86
N LEU A 567 4.96 21.61 16.86
CA LEU A 567 4.95 23.05 17.07
C LEU A 567 3.90 23.48 18.10
N PHE A 568 2.70 22.92 18.02
CA PHE A 568 1.54 23.37 18.78
C PHE A 568 1.49 22.76 20.17
N THR A 569 1.70 21.46 20.28
CA THR A 569 1.57 20.77 21.57
C THR A 569 2.86 20.15 22.07
N GLY A 570 3.90 20.06 21.23
CA GLY A 570 5.08 19.31 21.59
C GLY A 570 4.97 17.81 21.45
N LYS A 571 3.79 17.27 21.14
CA LYS A 571 3.55 15.83 21.23
C LYS A 571 3.37 15.21 19.86
N ALA A 572 3.67 13.91 19.77
CA ALA A 572 3.41 13.16 18.54
C ALA A 572 1.90 13.02 18.37
N PRO A 573 1.36 13.27 17.16
CA PRO A 573 -0.09 13.14 16.97
C PRO A 573 -0.53 11.76 16.49
N TYR A 574 0.38 10.79 16.39
CA TYR A 574 -0.03 9.43 16.01
C TYR A 574 0.92 8.43 16.66
N LYS A 575 0.40 7.25 16.96
CA LYS A 575 1.21 6.23 17.61
C LYS A 575 1.78 5.20 16.65
N ARG A 576 1.12 4.97 15.51
CA ARG A 576 1.52 3.96 14.53
C ARG A 576 1.19 4.47 13.14
N VAL A 577 2.00 4.07 12.17
CA VAL A 577 1.78 4.41 10.77
C VAL A 577 1.86 3.14 9.92
N LEU A 578 0.81 2.86 9.18
CA LEU A 578 0.79 1.80 8.17
C LEU A 578 0.97 2.47 6.82
N SER A 579 2.13 2.26 6.20
CA SER A 579 2.42 2.89 4.94
C SER A 579 1.93 1.99 3.79
N LEU A 580 1.49 2.62 2.71
CA LEU A 580 0.85 1.92 1.59
C LEU A 580 1.68 2.11 0.32
N GLY A 581 1.78 1.04 -0.48
CA GLY A 581 2.46 1.12 -1.76
C GLY A 581 1.49 1.51 -2.86
N HIS A 582 1.96 2.39 -3.75
CA HIS A 582 1.15 2.82 -4.90
C HIS A 582 0.84 1.64 -5.82
N VAL A 583 -0.44 1.50 -6.20
CA VAL A 583 -0.88 0.31 -6.92
C VAL A 583 -0.30 0.30 -8.34
N LEU A 584 0.12 -0.87 -8.78
CA LEU A 584 0.68 -1.09 -10.11
C LEU A 584 -0.32 -1.77 -11.02
N ASP A 585 -0.11 -1.66 -12.33
CA ASP A 585 -0.87 -2.52 -13.22
C ASP A 585 -0.22 -3.90 -13.30
N GLU A 586 -0.80 -4.78 -14.14
CA GLU A 586 -0.33 -6.16 -14.28
C GLU A 586 1.08 -6.26 -14.86
N ASN A 587 1.54 -5.21 -15.51
CA ASN A 587 2.87 -5.04 -16.05
C ASN A 587 3.87 -4.45 -15.03
N GLY A 588 3.42 -4.14 -13.80
CA GLY A 588 4.33 -3.57 -12.81
C GLY A 588 4.58 -2.08 -12.96
N GLN A 589 3.85 -1.39 -13.82
CA GLN A 589 3.93 0.06 -13.93
C GLN A 589 2.94 0.73 -12.97
N LYS A 590 3.36 1.82 -12.34
CA LYS A 590 2.45 2.52 -11.44
C LYS A 590 1.22 3.02 -12.21
N MET A 591 0.05 2.83 -11.62
CA MET A 591 -1.17 3.34 -12.23
C MET A 591 -1.14 4.84 -12.24
N SER A 592 -1.45 5.43 -13.40
CA SER A 592 -1.44 6.89 -13.45
C SER A 592 -2.49 7.41 -14.41
N LYS A 593 -2.86 8.67 -14.21
CA LYS A 593 -3.83 9.29 -15.10
C LYS A 593 -3.30 9.35 -16.53
N SER A 594 -2.06 9.78 -16.71
CA SER A 594 -1.56 10.01 -18.07
C SER A 594 -1.50 8.72 -18.87
N LYS A 595 -1.18 7.59 -18.22
CA LYS A 595 -1.05 6.34 -18.96
C LYS A 595 -2.37 5.62 -19.19
N GLY A 596 -3.43 5.97 -18.47
CA GLY A 596 -4.69 5.29 -18.72
C GLY A 596 -4.72 3.85 -18.28
N ASN A 597 -3.83 3.44 -17.35
CA ASN A 597 -3.73 2.06 -16.88
C ASN A 597 -4.35 1.84 -15.49
N ALA A 598 -5.05 2.83 -14.94
CA ALA A 598 -5.72 2.66 -13.66
C ALA A 598 -6.96 1.79 -13.81
N LEU A 599 -7.27 1.01 -12.78
CA LEU A 599 -8.53 0.29 -12.68
C LEU A 599 -9.42 1.00 -11.66
N ASP A 600 -10.61 1.38 -12.09
CA ASP A 600 -11.53 2.14 -11.25
C ASP A 600 -12.13 1.24 -10.17
N PRO A 601 -12.08 1.63 -8.90
CA PRO A 601 -12.58 0.73 -7.85
C PRO A 601 -14.09 0.57 -7.89
N VAL A 602 -14.82 1.58 -8.33
CA VAL A 602 -16.27 1.44 -8.43
C VAL A 602 -16.62 0.47 -9.56
N ASP A 603 -15.89 0.51 -10.68
CA ASP A 603 -16.02 -0.54 -11.70
C ASP A 603 -15.77 -1.93 -11.10
N LEU A 604 -14.67 -2.08 -10.37
CA LEU A 604 -14.36 -3.39 -9.79
C LEU A 604 -15.43 -3.83 -8.81
N ILE A 605 -15.97 -2.90 -8.02
CA ILE A 605 -17.05 -3.27 -7.10
C ILE A 605 -18.27 -3.75 -7.90
N HIS A 606 -18.59 -3.08 -9.00
N HIS A 606 -18.61 -3.07 -8.99
CA HIS A 606 -19.79 -3.46 -9.77
CA HIS A 606 -19.77 -3.47 -9.80
C HIS A 606 -19.62 -4.84 -10.41
C HIS A 606 -19.60 -4.87 -10.37
N THR A 607 -18.40 -5.17 -10.86
CA THR A 607 -18.18 -6.45 -11.52
C THR A 607 -18.07 -7.60 -10.52
N PHE A 608 -17.33 -7.39 -9.42
CA PHE A 608 -16.96 -8.49 -8.53
C PHE A 608 -17.55 -8.41 -7.13
N GLY A 609 -18.03 -7.25 -6.72
CA GLY A 609 -18.46 -7.00 -5.35
C GLY A 609 -17.36 -6.39 -4.50
N ALA A 610 -17.77 -5.61 -3.50
CA ALA A 610 -16.79 -4.95 -2.63
C ALA A 610 -16.08 -5.95 -1.73
N ASP A 611 -16.76 -7.00 -1.27
CA ASP A 611 -16.08 -8.01 -0.47
C ASP A 611 -14.84 -8.55 -1.21
N ALA A 612 -15.01 -8.90 -2.50
CA ALA A 612 -13.88 -9.46 -3.26
C ALA A 612 -12.79 -8.41 -3.51
N LEU A 613 -13.19 -7.18 -3.86
CA LEU A 613 -12.19 -6.14 -4.00
C LEU A 613 -11.41 -5.93 -2.70
N ARG A 614 -12.11 -5.81 -1.57
CA ARG A 614 -11.43 -5.64 -0.29
C ARG A 614 -10.46 -6.78 -0.03
N TRP A 615 -10.90 -8.02 -0.23
CA TRP A 615 -10.01 -9.16 -0.04
C TRP A 615 -8.77 -9.04 -0.92
N ALA A 616 -8.96 -8.69 -2.20
CA ALA A 616 -7.82 -8.56 -3.10
C ALA A 616 -6.85 -7.47 -2.65
N LEU A 617 -7.37 -6.43 -1.99
CA LEU A 617 -6.50 -5.34 -1.52
C LEU A 617 -5.77 -5.69 -0.22
N LEU A 618 -6.12 -6.80 0.45
CA LEU A 618 -5.57 -7.23 1.73
C LEU A 618 -4.69 -8.48 1.65
N ALA A 619 -4.89 -9.35 0.67
CA ALA A 619 -4.29 -10.67 0.65
C ALA A 619 -2.97 -10.68 -0.14
N ASP A 620 -2.14 -11.70 0.14
N ASP A 620 -2.20 -11.75 0.04
CA ASP A 620 -1.03 -12.14 -0.71
CA ASP A 620 -1.04 -12.10 -0.78
C ASP A 620 0.19 -11.21 -0.72
C ASP A 620 0.21 -11.28 -0.45
N SER A 621 0.06 -9.99 -0.19
CA SER A 621 1.22 -9.15 0.09
C SER A 621 0.83 -8.08 1.12
N ALA A 622 1.84 -7.48 1.74
CA ALA A 622 1.61 -6.49 2.80
C ALA A 622 1.12 -5.17 2.23
N PRO A 623 0.46 -4.34 3.03
CA PRO A 623 -0.04 -3.04 2.52
C PRO A 623 1.03 -2.20 1.85
N TRP A 624 2.28 -2.27 2.32
CA TRP A 624 3.38 -1.50 1.77
C TRP A 624 4.12 -2.18 0.62
N ASN A 625 3.73 -3.41 0.23
CA ASN A 625 4.23 -4.03 -0.99
C ASN A 625 3.33 -3.62 -2.16
N PRO A 626 3.82 -2.83 -3.11
CA PRO A 626 2.96 -2.45 -4.25
C PRO A 626 2.38 -3.66 -4.97
N LYS A 627 1.07 -3.62 -5.23
CA LYS A 627 0.38 -4.76 -5.81
C LYS A 627 0.25 -4.58 -7.32
N LYS A 628 0.55 -5.65 -8.06
CA LYS A 628 0.33 -5.73 -9.51
C LYS A 628 -1.13 -6.12 -9.68
N PHE A 629 -2.01 -5.11 -9.78
CA PHE A 629 -3.45 -5.30 -9.73
C PHE A 629 -4.05 -5.48 -11.12
N SER A 630 -5.11 -6.29 -11.19
CA SER A 630 -5.81 -6.63 -12.42
C SER A 630 -7.19 -7.14 -12.03
N GLU A 631 -8.09 -7.20 -13.02
CA GLU A 631 -9.37 -7.83 -12.74
C GLU A 631 -9.20 -9.30 -12.35
N ARG A 632 -8.22 -9.99 -12.93
CA ARG A 632 -8.04 -11.41 -12.62
C ARG A 632 -7.77 -11.60 -11.14
N VAL A 633 -7.01 -10.69 -10.52
CA VAL A 633 -6.70 -10.81 -9.09
C VAL A 633 -7.98 -10.69 -8.26
N VAL A 634 -8.89 -9.80 -8.64
CA VAL A 634 -10.14 -9.70 -7.90
C VAL A 634 -11.01 -10.93 -8.14
N GLN A 635 -11.06 -11.42 -9.39
CA GLN A 635 -11.84 -12.62 -9.71
C GLN A 635 -11.37 -13.82 -8.89
N GLU A 636 -10.05 -13.99 -8.74
CA GLU A 636 -9.52 -15.07 -7.91
C GLU A 636 -9.97 -14.95 -6.44
N ALA A 637 -9.98 -13.73 -5.88
CA ALA A 637 -10.50 -13.58 -4.51
C ALA A 637 -11.98 -13.94 -4.45
N LYS A 638 -12.75 -13.49 -5.43
CA LYS A 638 -14.19 -13.81 -5.45
C LYS A 638 -14.43 -15.31 -5.51
N SER A 639 -13.72 -16.02 -6.40
CA SER A 639 -13.92 -17.46 -6.55
C SER A 639 -13.44 -18.24 -5.34
N LYS A 640 -12.20 -17.98 -4.88
CA LYS A 640 -11.59 -18.78 -3.82
C LYS A 640 -12.19 -18.50 -2.45
N VAL A 641 -12.59 -17.26 -2.18
CA VAL A 641 -13.01 -16.84 -0.85
C VAL A 641 -14.51 -16.57 -0.80
N ILE A 642 -14.99 -15.58 -1.58
CA ILE A 642 -16.38 -15.18 -1.45
C ILE A 642 -17.31 -16.30 -1.89
N ASP A 643 -17.18 -16.73 -3.16
CA ASP A 643 -18.10 -17.74 -3.70
C ASP A 643 -18.02 -19.04 -2.92
N THR A 644 -16.82 -19.45 -2.52
CA THR A 644 -16.68 -20.70 -1.78
C THR A 644 -17.48 -20.65 -0.48
N LEU A 645 -17.34 -19.55 0.28
CA LEU A 645 -18.13 -19.37 1.49
C LEU A 645 -19.63 -19.39 1.19
N VAL A 646 -20.07 -18.59 0.21
CA VAL A 646 -21.49 -18.55 -0.15
C VAL A 646 -22.03 -19.96 -0.45
N ASN A 647 -21.24 -20.78 -1.17
CA ASN A 647 -21.72 -22.12 -1.51
C ASN A 647 -21.84 -23.04 -0.29
N VAL A 648 -20.87 -22.99 0.63
CA VAL A 648 -20.98 -23.74 1.87
C VAL A 648 -22.19 -23.26 2.68
N TYR A 649 -22.34 -21.93 2.78
CA TYR A 649 -23.47 -21.33 3.49
C TYR A 649 -24.81 -21.78 2.89
N GLY A 650 -24.95 -21.69 1.56
CA GLY A 650 -26.20 -22.08 0.93
C GLY A 650 -26.52 -23.56 1.09
N PHE A 651 -25.49 -24.41 1.05
CA PHE A 651 -25.67 -25.83 1.32
C PHE A 651 -26.27 -26.06 2.71
N TYR A 652 -25.66 -25.44 3.74
CA TYR A 652 -26.20 -25.56 5.09
C TYR A 652 -27.66 -25.13 5.16
N VAL A 653 -27.98 -23.94 4.64
CA VAL A 653 -29.35 -23.44 4.77
C VAL A 653 -30.32 -24.36 4.05
N LEU A 654 -29.94 -24.85 2.85
CA LEU A 654 -30.83 -25.71 2.08
C LEU A 654 -31.23 -26.95 2.88
N TYR A 655 -30.23 -27.67 3.41
CA TYR A 655 -30.50 -28.93 4.08
C TYR A 655 -31.03 -28.75 5.50
N ALA A 656 -30.54 -27.74 6.23
CA ALA A 656 -31.09 -27.50 7.56
C ALA A 656 -32.59 -27.26 7.50
N LYS A 657 -33.07 -26.57 6.46
CA LYS A 657 -34.50 -26.30 6.34
C LYS A 657 -35.26 -27.54 5.89
N LEU A 658 -34.68 -28.34 4.99
CA LEU A 658 -35.31 -29.60 4.61
C LEU A 658 -35.45 -30.53 5.80
N ASP A 659 -34.37 -30.67 6.58
CA ASP A 659 -34.42 -31.55 7.73
C ASP A 659 -35.00 -30.89 8.98
N GLY A 660 -35.43 -29.63 8.89
CA GLY A 660 -35.97 -28.94 10.05
C GLY A 660 -34.99 -28.85 11.21
N TYR A 661 -33.71 -28.71 10.93
CA TYR A 661 -32.73 -28.54 12.00
C TYR A 661 -32.92 -27.18 12.66
N ASP A 662 -32.77 -27.16 13.99
CA ASP A 662 -32.95 -25.95 14.78
C ASP A 662 -31.89 -25.90 15.88
N PRO A 663 -30.95 -24.95 15.84
CA PRO A 663 -29.90 -24.91 16.88
C PRO A 663 -30.44 -24.76 18.29
N GLU A 664 -31.68 -24.29 18.46
CA GLU A 664 -32.25 -24.11 19.80
C GLU A 664 -32.59 -25.45 20.47
N GLN A 665 -32.92 -26.47 19.69
CA GLN A 665 -33.19 -27.79 20.27
C GLN A 665 -31.88 -28.44 20.72
N THR A 666 -32.01 -29.38 21.64
CA THR A 666 -30.91 -30.26 22.00
C THR A 666 -31.12 -31.58 21.28
N TYR A 667 -30.09 -32.02 20.57
CA TYR A 667 -30.13 -33.26 19.81
C TYR A 667 -29.11 -34.22 20.41
N GLU A 668 -29.35 -35.51 20.21
CA GLU A 668 -28.31 -36.50 20.50
C GLU A 668 -27.22 -36.36 19.44
N LEU A 669 -25.97 -36.23 19.89
CA LEU A 669 -24.85 -35.80 19.07
C LEU A 669 -23.76 -36.85 19.12
N LYS A 670 -23.52 -37.51 18.00
CA LYS A 670 -22.35 -38.39 17.85
C LYS A 670 -21.42 -37.70 16.85
N LYS A 671 -20.43 -36.98 17.38
CA LYS A 671 -19.45 -36.27 16.56
C LYS A 671 -18.41 -37.24 16.00
N THR A 672 -18.09 -37.06 14.73
CA THR A 672 -17.08 -37.86 14.06
C THR A 672 -15.72 -37.17 14.13
N LYS A 673 -14.68 -37.89 13.70
CA LYS A 673 -13.34 -37.29 13.66
C LYS A 673 -13.31 -36.07 12.75
N LEU A 674 -14.02 -36.14 11.62
CA LEU A 674 -14.12 -34.99 10.73
C LEU A 674 -14.67 -33.78 11.47
N ASP A 675 -15.78 -33.95 12.19
CA ASP A 675 -16.35 -32.89 13.01
C ASP A 675 -15.31 -32.31 13.96
N GLU A 676 -14.63 -33.19 14.69
CA GLU A 676 -13.63 -32.74 15.65
C GLU A 676 -12.46 -32.06 14.95
N TRP A 677 -12.11 -32.49 13.74
CA TRP A 677 -10.99 -31.88 13.03
C TRP A 677 -11.31 -30.46 12.57
N ILE A 678 -12.50 -30.25 12.00
CA ILE A 678 -12.79 -28.91 11.47
C ILE A 678 -13.04 -27.93 12.61
N LEU A 679 -13.64 -28.38 13.72
CA LEU A 679 -13.76 -27.52 14.90
C LEU A 679 -12.40 -27.18 15.47
N SER A 680 -11.45 -28.12 15.42
CA SER A 680 -10.10 -27.81 15.88
C SER A 680 -9.43 -26.80 14.94
N ARG A 681 -9.55 -27.03 13.63
CA ARG A 681 -8.95 -26.10 12.67
C ARG A 681 -9.56 -24.72 12.83
N LEU A 682 -10.86 -24.66 13.13
CA LEU A 682 -11.56 -23.39 13.28
C LEU A 682 -10.99 -22.60 14.46
N HIS A 683 -10.85 -23.26 15.61
CA HIS A 683 -10.32 -22.53 16.76
C HIS A 683 -8.83 -22.24 16.62
N SER A 684 -8.07 -23.10 15.94
CA SER A 684 -6.70 -22.76 15.63
C SER A 684 -6.62 -21.53 14.72
N THR A 685 -7.57 -21.41 13.78
CA THR A 685 -7.64 -20.26 12.89
C THR A 685 -8.04 -19.00 13.65
N VAL A 686 -9.04 -19.10 14.54
CA VAL A 686 -9.37 -17.98 15.44
C VAL A 686 -8.12 -17.48 16.14
N LYS A 687 -7.37 -18.41 16.73
CA LYS A 687 -6.19 -18.02 17.50
C LYS A 687 -5.16 -17.33 16.62
N ARG A 688 -4.86 -17.91 15.46
CA ARG A 688 -3.77 -17.35 14.67
C ARG A 688 -4.18 -16.06 13.94
N ALA A 689 -5.43 -15.97 13.48
CA ALA A 689 -5.87 -14.72 12.87
C ALA A 689 -5.90 -13.56 13.87
N THR A 690 -6.24 -13.84 15.13
CA THR A 690 -6.27 -12.81 16.17
C THR A 690 -4.88 -12.27 16.47
N VAL A 691 -3.90 -13.17 16.63
CA VAL A 691 -2.52 -12.72 16.85
C VAL A 691 -2.06 -11.84 15.71
N HIS A 692 -2.34 -12.25 14.46
CA HIS A 692 -1.90 -11.45 13.32
C HIS A 692 -2.58 -10.08 13.30
N LEU A 693 -3.88 -10.03 13.58
CA LEU A 693 -4.64 -8.78 13.53
C LEU A 693 -4.22 -7.83 14.65
N GLU A 694 -3.91 -8.37 15.84
CA GLU A 694 -3.39 -7.53 16.91
C GLU A 694 -2.13 -6.79 16.47
N ASP A 695 -1.32 -7.40 15.62
CA ASP A 695 -0.12 -6.76 15.07
C ASP A 695 -0.36 -6.13 13.69
N TYR A 696 -1.63 -5.90 13.31
CA TYR A 696 -1.97 -5.27 12.04
C TYR A 696 -1.50 -6.09 10.84
N GLY A 697 -1.33 -7.40 11.01
CA GLY A 697 -0.93 -8.27 9.92
C GLY A 697 -2.12 -8.79 9.15
N PHE A 698 -2.75 -7.96 8.30
CA PHE A 698 -3.95 -8.40 7.58
C PHE A 698 -3.60 -9.51 6.59
N THR A 699 -2.42 -9.42 5.99
CA THR A 699 -2.02 -10.39 4.99
C THR A 699 -2.01 -11.81 5.56
N SER A 700 -1.37 -11.98 6.72
CA SER A 700 -1.24 -13.31 7.30
C SER A 700 -2.55 -13.79 7.90
N ALA A 701 -3.33 -12.86 8.48
CA ALA A 701 -4.67 -13.23 8.92
C ALA A 701 -5.55 -13.66 7.75
N ALA A 702 -5.47 -12.95 6.62
CA ALA A 702 -6.22 -13.36 5.43
C ALA A 702 -5.79 -14.74 4.98
N ARG A 703 -4.47 -14.98 4.94
CA ARG A 703 -3.95 -16.27 4.51
C ARG A 703 -4.49 -17.39 5.39
N GLU A 704 -4.45 -17.20 6.71
CA GLU A 704 -4.95 -18.23 7.63
C GLU A 704 -6.42 -18.50 7.36
N ILE A 705 -7.22 -17.45 7.19
CA ILE A 705 -8.65 -17.66 7.02
C ILE A 705 -8.93 -18.35 5.67
N ALA A 706 -8.16 -18.01 4.62
CA ALA A 706 -8.39 -18.64 3.31
C ALA A 706 -8.09 -20.14 3.34
N VAL A 707 -7.01 -20.53 4.01
CA VAL A 707 -6.70 -21.95 4.17
C VAL A 707 -7.86 -22.68 4.86
N PHE A 708 -8.39 -22.10 5.94
CA PHE A 708 -9.53 -22.71 6.62
C PHE A 708 -10.73 -22.86 5.69
N ILE A 709 -11.06 -21.82 4.92
CA ILE A 709 -12.22 -21.88 4.04
C ILE A 709 -12.08 -22.99 3.03
N GLU A 710 -10.85 -23.18 2.52
CA GLU A 710 -10.60 -24.25 1.56
C GLU A 710 -10.76 -25.62 2.20
N GLU A 711 -10.20 -25.80 3.40
CA GLU A 711 -10.35 -27.07 4.12
C GLU A 711 -11.81 -27.35 4.43
N LEU A 712 -12.54 -26.31 4.82
CA LEU A 712 -13.96 -26.44 5.14
C LEU A 712 -14.75 -26.92 3.94
N SER A 713 -14.56 -26.27 2.79
CA SER A 713 -15.35 -26.60 1.63
C SER A 713 -14.86 -27.89 0.97
N ASN A 714 -13.55 -27.98 0.73
CA ASN A 714 -12.98 -29.04 -0.09
C ASN A 714 -12.78 -30.35 0.66
N TRP A 715 -12.78 -30.32 1.99
CA TRP A 715 -12.64 -31.57 2.73
C TRP A 715 -13.79 -31.81 3.69
N TYR A 716 -14.10 -30.87 4.58
CA TYR A 716 -15.12 -31.15 5.59
C TYR A 716 -16.49 -31.31 4.97
N VAL A 717 -16.93 -30.35 4.15
CA VAL A 717 -18.25 -30.45 3.55
C VAL A 717 -18.29 -31.59 2.54
N ARG A 718 -17.26 -31.67 1.69
CA ARG A 718 -17.27 -32.72 0.67
C ARG A 718 -17.33 -34.12 1.29
N ARG A 719 -16.56 -34.36 2.34
CA ARG A 719 -16.56 -35.69 2.93
C ARG A 719 -17.65 -35.90 3.97
N SER A 720 -18.56 -34.93 4.12
CA SER A 720 -19.71 -35.08 5.02
C SER A 720 -21.07 -35.00 4.34
N ARG A 721 -21.11 -34.76 3.02
CA ARG A 721 -22.38 -34.64 2.30
C ARG A 721 -23.33 -35.80 2.60
N ASP A 722 -22.80 -37.01 2.77
CA ASP A 722 -23.65 -38.16 3.00
C ASP A 722 -24.46 -38.00 4.30
N ARG A 723 -23.85 -37.41 5.33
CA ARG A 723 -24.57 -37.19 6.57
C ARG A 723 -25.69 -36.17 6.40
N PHE A 724 -25.56 -35.24 5.46
CA PHE A 724 -26.64 -34.28 5.25
C PHE A 724 -27.74 -34.86 4.37
N TRP A 725 -27.37 -35.66 3.36
CA TRP A 725 -28.37 -36.24 2.48
C TRP A 725 -29.20 -37.31 3.17
N SER A 726 -28.66 -37.93 4.23
CA SER A 726 -29.32 -38.97 5.01
C SER A 726 -30.81 -38.71 5.28
N GLU A 727 -31.58 -39.79 5.39
CA GLU A 727 -32.95 -39.72 5.88
C GLU A 727 -32.95 -39.83 7.40
N GLY A 728 -33.85 -39.10 8.04
CA GLY A 728 -33.94 -39.15 9.47
C GLY A 728 -33.16 -38.03 10.15
N MET A 729 -32.69 -38.30 11.37
CA MET A 729 -31.89 -37.35 12.13
C MET A 729 -31.15 -38.10 13.23
N ASP A 730 -30.24 -38.99 12.86
CA ASP A 730 -29.50 -39.75 13.84
C ASP A 730 -28.45 -38.85 14.49
N GLY A 731 -27.57 -39.44 15.29
CA GLY A 731 -26.61 -38.65 16.03
C GLY A 731 -25.52 -38.05 15.16
N GLU A 732 -25.14 -38.74 14.08
CA GLU A 732 -24.07 -38.24 13.22
C GLU A 732 -24.57 -37.12 12.30
N LYS A 733 -25.84 -37.16 11.92
CA LYS A 733 -26.45 -36.07 11.17
C LYS A 733 -26.57 -34.82 12.05
N ALA A 734 -27.05 -35.00 13.28
CA ALA A 734 -27.18 -33.87 14.19
C ALA A 734 -25.82 -33.24 14.46
N ALA A 735 -24.80 -34.06 14.71
CA ALA A 735 -23.45 -33.54 14.90
C ALA A 735 -22.99 -32.72 13.68
N ALA A 736 -23.29 -33.19 12.47
CA ALA A 736 -22.94 -32.45 11.27
C ALA A 736 -23.58 -31.06 11.27
N TYR A 737 -24.87 -30.99 11.54
CA TYR A 737 -25.53 -29.69 11.61
C TYR A 737 -24.95 -28.83 12.74
N ASP A 738 -24.75 -29.44 13.91
CA ASP A 738 -24.21 -28.71 15.05
C ASP A 738 -22.83 -28.14 14.73
N THR A 739 -22.00 -28.94 14.06
CA THR A 739 -20.64 -28.54 13.76
C THR A 739 -20.61 -27.45 12.71
N LEU A 740 -21.38 -27.62 11.64
CA LEU A 740 -21.32 -26.64 10.56
C LEU A 740 -21.98 -25.34 10.97
N HIS A 741 -23.03 -25.43 11.80
CA HIS A 741 -23.61 -24.22 12.37
C HIS A 741 -22.58 -23.40 13.12
N GLU A 742 -21.88 -24.01 14.08
CA GLU A 742 -20.86 -23.28 14.82
C GLU A 742 -19.79 -22.73 13.89
N VAL A 743 -19.32 -23.55 12.95
CA VAL A 743 -18.30 -23.09 12.02
C VAL A 743 -18.75 -21.83 11.32
N LEU A 744 -19.99 -21.79 10.84
CA LEU A 744 -20.40 -20.65 10.02
C LEU A 744 -20.58 -19.41 10.88
N VAL A 745 -21.13 -19.55 12.09
CA VAL A 745 -21.29 -18.38 12.96
C VAL A 745 -19.92 -17.79 13.29
N THR A 746 -19.00 -18.64 13.76
CA THR A 746 -17.68 -18.14 14.13
C THR A 746 -16.92 -17.61 12.94
N LEU A 747 -16.99 -18.29 11.79
CA LEU A 747 -16.25 -17.85 10.61
C LEU A 747 -16.78 -16.52 10.08
N SER A 748 -18.11 -16.32 10.10
CA SER A 748 -18.62 -15.03 9.66
C SER A 748 -18.18 -13.90 10.59
N GLN A 749 -18.01 -14.18 11.89
CA GLN A 749 -17.48 -13.17 12.79
C GLN A 749 -16.02 -12.87 12.47
N LEU A 750 -15.22 -13.92 12.27
CA LEU A 750 -13.81 -13.75 11.93
C LEU A 750 -13.64 -12.88 10.69
N LEU A 751 -14.52 -13.07 9.70
CA LEU A 751 -14.48 -12.41 8.39
C LEU A 751 -15.06 -11.00 8.44
N ALA A 752 -15.84 -10.67 9.47
CA ALA A 752 -16.59 -9.42 9.48
C ALA A 752 -15.75 -8.18 9.18
N PRO A 753 -14.53 -8.02 9.69
CA PRO A 753 -13.74 -6.82 9.31
C PRO A 753 -13.26 -6.82 7.85
N PHE A 754 -13.09 -8.01 7.25
CA PHE A 754 -12.53 -8.17 5.90
C PHE A 754 -13.59 -7.97 4.82
N THR A 755 -14.64 -8.76 4.91
CA THR A 755 -15.66 -8.91 3.88
C THR A 755 -16.97 -8.65 4.60
N PRO A 756 -17.28 -7.37 4.88
CA PRO A 756 -18.41 -7.08 5.79
C PRO A 756 -19.78 -7.36 5.21
N PHE A 757 -19.93 -7.45 3.89
CA PHE A 757 -21.26 -7.75 3.37
C PHE A 757 -21.60 -9.22 3.54
N VAL A 758 -20.81 -10.12 2.95
CA VAL A 758 -21.17 -11.53 3.01
C VAL A 758 -21.09 -12.04 4.45
N ALA A 759 -20.19 -11.47 5.26
CA ALA A 759 -20.10 -11.90 6.64
C ALA A 759 -21.44 -11.67 7.35
N ASP A 760 -22.11 -10.55 7.06
CA ASP A 760 -23.36 -10.23 7.74
C ASP A 760 -24.53 -10.96 7.12
N ASP A 761 -24.47 -11.24 5.82
CA ASP A 761 -25.46 -12.11 5.19
C ASP A 761 -25.53 -13.45 5.93
N VAL A 762 -24.37 -14.11 6.09
CA VAL A 762 -24.34 -15.38 6.81
C VAL A 762 -24.80 -15.21 8.26
N HIS A 763 -24.20 -14.23 8.97
CA HIS A 763 -24.41 -14.14 10.41
C HIS A 763 -25.83 -13.75 10.75
N GLU A 764 -26.39 -12.76 10.06
CA GLU A 764 -27.74 -12.31 10.36
C GLU A 764 -28.78 -13.39 10.03
N ASN A 765 -28.57 -14.16 8.96
CA ASN A 765 -29.54 -15.19 8.62
C ASN A 765 -29.52 -16.34 9.63
N LEU A 766 -28.33 -16.70 10.13
CA LEU A 766 -28.20 -17.77 11.11
C LEU A 766 -28.58 -17.36 12.53
N THR A 767 -28.36 -16.09 12.91
CA THR A 767 -28.53 -15.69 14.30
C THR A 767 -29.57 -14.61 14.54
N GLY A 768 -30.09 -13.97 13.49
CA GLY A 768 -30.97 -12.84 13.68
C GLY A 768 -30.31 -11.55 14.06
N LYS A 769 -28.97 -11.52 14.19
CA LYS A 769 -28.24 -10.36 14.69
C LYS A 769 -27.12 -9.96 13.74
N SER A 770 -26.87 -8.66 13.63
CA SER A 770 -25.80 -8.20 12.76
C SER A 770 -24.46 -8.65 13.29
N VAL A 771 -23.61 -9.15 12.38
CA VAL A 771 -22.26 -9.56 12.78
C VAL A 771 -21.44 -8.35 13.26
N HIS A 772 -21.79 -7.16 12.80
CA HIS A 772 -20.96 -6.02 13.13
C HIS A 772 -21.26 -5.48 14.52
N LEU A 773 -22.25 -6.05 15.19
CA LEU A 773 -22.50 -5.81 16.61
C LEU A 773 -21.95 -6.92 17.48
N ALA A 774 -21.34 -7.96 16.90
CA ALA A 774 -20.80 -9.09 17.65
C ALA A 774 -19.43 -8.75 18.21
N ASP A 775 -19.01 -9.54 19.21
CA ASP A 775 -17.61 -9.54 19.63
C ASP A 775 -16.80 -10.47 18.73
N TYR A 776 -15.53 -10.14 18.55
CA TYR A 776 -14.65 -11.04 17.82
C TYR A 776 -14.53 -12.36 18.59
N PRO A 777 -14.48 -13.50 17.90
CA PRO A 777 -14.61 -14.78 18.60
C PRO A 777 -13.36 -15.14 19.39
N ALA A 778 -13.56 -15.87 20.48
CA ALA A 778 -12.47 -16.35 21.31
C ALA A 778 -12.10 -17.79 20.95
N CYS A 779 -10.82 -18.07 20.96
CA CYS A 779 -10.36 -19.44 20.75
C CYS A 779 -10.76 -20.31 21.94
N ASP A 780 -11.46 -21.40 21.67
CA ASP A 780 -11.80 -22.37 22.70
C ASP A 780 -10.71 -23.44 22.69
N GLN A 781 -9.77 -23.31 23.62
CA GLN A 781 -8.62 -24.20 23.64
C GLN A 781 -9.01 -25.66 23.81
N THR A 782 -10.18 -25.94 24.41
CA THR A 782 -10.56 -27.33 24.62
C THR A 782 -10.96 -28.03 23.33
N LYS A 783 -11.24 -27.27 22.28
CA LYS A 783 -11.56 -27.84 20.98
C LYS A 783 -10.36 -27.92 20.06
N VAL A 784 -9.20 -27.40 20.48
CA VAL A 784 -7.96 -27.55 19.74
C VAL A 784 -7.38 -28.93 20.01
N ASN A 785 -7.02 -29.65 18.95
CA ASN A 785 -6.52 -31.03 19.04
C ASN A 785 -5.39 -31.16 18.03
N GLU A 786 -4.19 -30.78 18.45
CA GLU A 786 -3.06 -30.73 17.52
C GLU A 786 -2.73 -32.10 16.97
N LYS A 787 -3.01 -33.14 17.74
CA LYS A 787 -2.78 -34.51 17.27
C LYS A 787 -3.71 -34.85 16.11
N LEU A 788 -4.99 -34.50 16.24
CA LEU A 788 -5.92 -34.74 15.15
C LEU A 788 -5.57 -33.90 13.93
N GLU A 789 -5.12 -32.66 14.14
CA GLU A 789 -4.75 -31.83 13.01
C GLU A 789 -3.56 -32.43 12.27
N LYS A 790 -2.57 -32.93 13.00
CA LYS A 790 -1.40 -33.54 12.37
C LYS A 790 -1.78 -34.84 11.66
N GLU A 791 -2.70 -35.61 12.26
CA GLU A 791 -3.16 -36.83 11.61
C GLU A 791 -3.90 -36.52 10.30
N MET A 792 -4.89 -35.65 10.36
CA MET A 792 -5.69 -35.36 9.17
C MET A 792 -4.82 -34.80 8.05
N ALA A 793 -3.77 -34.05 8.39
CA ALA A 793 -2.86 -33.52 7.38
C ALA A 793 -2.08 -34.62 6.69
N ALA A 794 -1.76 -35.70 7.41
CA ALA A 794 -1.11 -36.84 6.75
C ALA A 794 -2.09 -37.55 5.84
N VAL A 795 -3.32 -37.75 6.31
CA VAL A 795 -4.41 -38.23 5.45
C VAL A 795 -4.51 -37.40 4.18
N LEU A 796 -4.40 -36.07 4.30
CA LEU A 796 -4.52 -35.26 3.09
C LEU A 796 -3.33 -35.47 2.16
N GLN A 797 -2.14 -35.78 2.71
CA GLN A 797 -1.01 -36.07 1.85
C GLN A 797 -1.26 -37.33 1.03
N VAL A 798 -1.87 -38.34 1.64
CA VAL A 798 -2.12 -39.61 0.96
C VAL A 798 -3.20 -39.43 -0.10
N VAL A 799 -4.27 -38.70 0.23
CA VAL A 799 -5.28 -38.33 -0.76
C VAL A 799 -4.66 -37.61 -1.94
N GLU A 800 -3.72 -36.69 -1.69
CA GLU A 800 -3.06 -35.99 -2.79
C GLU A 800 -2.22 -36.94 -3.62
N LEU A 801 -1.55 -37.90 -2.98
CA LEU A 801 -0.75 -38.85 -3.75
C LEU A 801 -1.63 -39.73 -4.62
N GLY A 802 -2.74 -40.23 -4.07
CA GLY A 802 -3.63 -41.05 -4.86
C GLY A 802 -4.22 -40.29 -6.03
N ARG A 803 -4.60 -39.04 -5.80
CA ARG A 803 -5.17 -38.23 -6.87
C ARG A 803 -4.13 -37.97 -7.97
N SER A 804 -2.87 -37.79 -7.59
CA SER A 804 -1.88 -37.52 -8.62
C SER A 804 -1.58 -38.75 -9.47
N ILE A 805 -1.72 -39.96 -8.91
CA ILE A 805 -1.56 -41.16 -9.71
C ILE A 805 -2.71 -41.29 -10.71
N ARG A 806 -3.93 -41.08 -10.24
CA ARG A 806 -5.08 -41.09 -11.14
C ARG A 806 -4.90 -40.08 -12.27
N ASN A 807 -4.54 -38.84 -11.93
CA ASN A 807 -4.39 -37.79 -12.94
C ASN A 807 -3.28 -38.11 -13.93
N THR A 808 -2.19 -38.71 -13.46
CA THR A 808 -1.06 -39.09 -14.32
C THR A 808 -1.49 -40.09 -15.39
N HIS A 809 -2.43 -40.97 -15.08
CA HIS A 809 -2.90 -41.99 -15.98
C HIS A 809 -4.28 -41.71 -16.56
N SER A 810 -4.79 -40.49 -16.41
CA SER A 810 -6.09 -40.08 -16.94
C SER A 810 -7.21 -41.02 -16.50
N LEU A 811 -7.20 -41.38 -15.21
CA LEU A 811 -8.24 -42.21 -14.63
C LEU A 811 -9.19 -41.30 -13.86
N LYS A 812 -10.38 -41.09 -14.41
CA LYS A 812 -11.37 -40.22 -13.76
C LYS A 812 -11.72 -40.74 -12.38
N VAL A 813 -12.10 -39.83 -11.49
CA VAL A 813 -12.39 -40.21 -10.10
C VAL A 813 -13.63 -41.09 -10.01
N LYS A 814 -14.60 -40.90 -10.91
CA LYS A 814 -15.81 -41.72 -10.92
C LYS A 814 -15.54 -43.18 -11.24
N GLN A 815 -14.39 -43.50 -11.84
CA GLN A 815 -14.00 -44.85 -12.18
C GLN A 815 -13.37 -45.56 -10.98
N PRO A 816 -14.08 -46.51 -10.33
CA PRO A 816 -13.48 -47.21 -9.19
C PRO A 816 -12.27 -48.04 -9.58
N LEU A 817 -11.32 -48.14 -8.66
CA LEU A 817 -10.13 -48.97 -8.80
C LEU A 817 -10.07 -49.97 -7.64
N GLN A 818 -9.34 -51.06 -7.85
CA GLN A 818 -9.38 -52.15 -6.88
C GLN A 818 -8.77 -51.75 -5.54
N SER A 819 -7.61 -51.08 -5.57
CA SER A 819 -6.97 -50.81 -4.29
C SER A 819 -5.96 -49.67 -4.38
N LEU A 820 -5.78 -49.02 -3.23
CA LEU A 820 -4.62 -48.19 -2.95
C LEU A 820 -3.90 -48.82 -1.77
N SER A 821 -2.58 -48.89 -1.84
CA SER A 821 -1.78 -49.48 -0.79
C SER A 821 -0.73 -48.46 -0.36
N LEU A 822 -0.63 -48.23 0.94
CA LEU A 822 0.32 -47.27 1.50
C LEU A 822 1.37 -48.01 2.33
N VAL A 823 2.63 -47.70 2.11
CA VAL A 823 3.74 -48.27 2.89
C VAL A 823 4.31 -47.17 3.78
N VAL A 824 4.29 -47.40 5.08
CA VAL A 824 4.76 -46.46 6.08
C VAL A 824 5.87 -47.11 6.89
N THR A 825 6.87 -46.32 7.27
CA THR A 825 7.86 -46.76 8.24
C THR A 825 7.32 -46.66 9.65
N GLU A 826 6.85 -45.48 10.03
CA GLU A 826 6.41 -45.23 11.40
C GLU A 826 4.96 -45.66 11.60
N GLU A 827 4.67 -46.18 12.80
CA GLU A 827 3.29 -46.38 13.23
C GLU A 827 2.78 -45.07 13.83
N ASP A 828 2.75 -44.06 12.96
CA ASP A 828 2.56 -42.68 13.38
C ASP A 828 1.09 -42.32 13.49
N VAL A 829 0.28 -42.76 12.52
CA VAL A 829 -1.10 -42.32 12.32
C VAL A 829 -2.03 -43.50 12.46
N GLU A 830 -3.16 -43.30 13.14
CA GLU A 830 -4.18 -44.35 13.28
C GLU A 830 -4.98 -44.46 11.99
N TRP A 831 -4.42 -45.20 11.04
CA TRP A 831 -4.98 -45.23 9.68
C TRP A 831 -6.39 -45.78 9.63
N LYS A 832 -6.72 -46.70 10.55
CA LYS A 832 -8.05 -47.31 10.52
C LYS A 832 -9.16 -46.31 10.81
N ALA A 833 -8.85 -45.18 11.47
CA ALA A 833 -9.86 -44.17 11.74
C ALA A 833 -10.24 -43.37 10.50
N TYR A 834 -9.44 -43.42 9.43
CA TYR A 834 -9.68 -42.65 8.23
C TYR A 834 -9.78 -43.51 6.97
N ARG A 835 -9.86 -44.83 7.13
CA ARG A 835 -9.94 -45.71 5.97
C ARG A 835 -11.14 -45.39 5.10
N ASP A 836 -12.31 -45.23 5.73
CA ASP A 836 -13.54 -45.00 4.96
C ASP A 836 -13.48 -43.67 4.21
N VAL A 837 -12.90 -42.64 4.83
CA VAL A 837 -12.80 -41.37 4.16
C VAL A 837 -11.79 -41.44 3.00
N ILE A 838 -10.72 -42.22 3.16
CA ILE A 838 -9.75 -42.37 2.08
C ILE A 838 -10.33 -43.14 0.92
N LYS A 839 -11.04 -44.25 1.20
CA LYS A 839 -11.66 -45.03 0.14
C LYS A 839 -12.74 -44.23 -0.59
N ASP A 840 -13.52 -43.43 0.15
CA ASP A 840 -14.54 -42.59 -0.47
C ASP A 840 -13.91 -41.54 -1.38
N GLU A 841 -12.87 -40.88 -0.90
CA GLU A 841 -12.27 -39.79 -1.67
C GLU A 841 -11.67 -40.33 -2.97
N LEU A 842 -10.85 -41.38 -2.87
CA LEU A 842 -10.07 -41.93 -3.98
C LEU A 842 -10.81 -43.01 -4.77
N ASN A 843 -12.01 -43.40 -4.33
CA ASN A 843 -12.86 -44.35 -5.05
C ASN A 843 -12.12 -45.67 -5.32
N VAL A 844 -11.51 -46.22 -4.28
CA VAL A 844 -10.88 -47.53 -4.33
C VAL A 844 -11.65 -48.49 -3.44
N LYS A 845 -11.61 -49.77 -3.79
CA LYS A 845 -12.37 -50.77 -3.04
C LYS A 845 -11.64 -51.19 -1.77
N ASN A 846 -10.31 -51.17 -1.77
CA ASN A 846 -9.50 -51.54 -0.61
C ASN A 846 -8.44 -50.49 -0.34
N PHE A 847 -8.25 -50.14 0.93
CA PHE A 847 -7.12 -49.34 1.37
C PHE A 847 -6.25 -50.20 2.27
N ASN A 848 -5.04 -50.49 1.82
CA ASN A 848 -4.11 -51.39 2.51
C ASN A 848 -2.95 -50.60 3.08
N VAL A 849 -2.72 -50.75 4.38
CA VAL A 849 -1.56 -50.16 5.03
C VAL A 849 -0.51 -51.25 5.15
N GLU A 850 0.64 -51.03 4.51
CA GLU A 850 1.68 -52.05 4.42
C GLU A 850 2.92 -51.56 5.14
N GLN A 851 3.60 -52.50 5.79
CA GLN A 851 4.92 -52.25 6.32
C GLN A 851 6.00 -52.60 5.30
N ASP A 852 5.66 -53.36 4.28
CA ASP A 852 6.62 -53.92 3.32
C ASP A 852 6.23 -53.55 1.90
N ASP A 853 7.12 -53.90 0.96
CA ASP A 853 6.93 -53.69 -0.47
C ASP A 853 6.58 -54.96 -1.24
N ASP A 854 6.65 -56.13 -0.59
CA ASP A 854 6.85 -57.39 -1.30
C ASP A 854 5.77 -57.64 -2.33
N LYS A 855 4.50 -57.59 -1.91
CA LYS A 855 3.41 -57.92 -2.82
C LYS A 855 3.17 -56.83 -3.86
N VAL A 856 3.88 -55.71 -3.77
CA VAL A 856 3.55 -54.50 -4.50
C VAL A 856 4.65 -54.10 -5.49
N LEU A 857 5.91 -54.22 -5.10
CA LEU A 857 7.03 -53.80 -5.92
C LEU A 857 8.08 -54.90 -5.98
N SER A 858 8.82 -54.91 -7.09
CA SER A 858 10.07 -55.65 -7.18
C SER A 858 11.22 -54.66 -7.28
N TYR A 859 12.40 -55.06 -6.79
CA TYR A 859 13.57 -54.19 -6.75
C TYR A 859 14.60 -54.64 -7.77
N VAL A 860 15.07 -53.71 -8.59
CA VAL A 860 16.15 -53.94 -9.54
C VAL A 860 17.36 -53.13 -9.07
N LEU A 861 18.52 -53.78 -9.01
CA LEU A 861 19.71 -53.20 -8.40
C LEU A 861 20.83 -53.08 -9.43
N LYS A 862 21.33 -51.87 -9.60
CA LYS A 862 22.54 -51.57 -10.36
C LYS A 862 23.63 -51.12 -9.39
N LEU A 863 24.87 -51.32 -9.80
CA LEU A 863 25.99 -50.67 -9.12
C LEU A 863 26.07 -49.21 -9.56
N ASP A 864 26.48 -48.35 -8.62
CA ASP A 864 26.70 -46.94 -8.94
C ASP A 864 28.18 -46.78 -9.31
N PHE A 865 28.46 -46.72 -10.61
CA PHE A 865 29.84 -46.58 -11.07
C PHE A 865 30.47 -45.27 -10.61
N LYS A 866 29.66 -44.27 -10.25
CA LYS A 866 30.18 -42.99 -9.79
C LYS A 866 30.70 -43.07 -8.37
N GLN A 867 29.97 -43.75 -7.47
CA GLN A 867 30.39 -43.84 -6.07
C GLN A 867 31.40 -44.96 -5.86
N ALA A 868 31.28 -46.06 -6.60
CA ALA A 868 32.22 -47.18 -6.50
C ALA A 868 33.49 -46.87 -7.30
N GLY A 869 34.10 -45.72 -6.94
CA GLY A 869 35.30 -45.24 -7.63
C GLY A 869 36.51 -46.13 -7.34
N PRO A 870 36.69 -46.52 -6.08
CA PRO A 870 37.87 -47.29 -5.69
C PRO A 870 37.83 -48.70 -6.27
N LYS A 871 36.74 -49.44 -6.01
CA LYS A 871 36.63 -50.85 -6.39
C LYS A 871 36.98 -51.08 -7.86
N PHE A 872 38.11 -51.72 -8.11
CA PHE A 872 38.57 -52.03 -9.45
C PHE A 872 37.98 -53.33 -10.00
N GLY A 873 37.16 -54.02 -9.23
CA GLY A 873 36.50 -55.24 -9.69
C GLY A 873 35.06 -54.90 -10.11
N LYS A 874 34.97 -54.16 -11.21
CA LYS A 874 33.69 -53.85 -11.82
C LYS A 874 33.12 -55.02 -12.60
N GLN A 875 33.95 -56.00 -12.97
CA GLN A 875 33.42 -57.23 -13.55
C GLN A 875 32.81 -58.13 -12.47
N VAL A 876 33.28 -57.99 -11.23
CA VAL A 876 32.73 -58.75 -10.10
C VAL A 876 31.40 -58.16 -9.64
N ASN A 877 31.32 -56.83 -9.47
CA ASN A 877 30.06 -56.20 -9.11
C ASN A 877 29.05 -56.24 -10.25
N GLU A 878 29.51 -56.44 -11.49
CA GLU A 878 28.58 -56.66 -12.60
C GLU A 878 27.91 -58.02 -12.47
N VAL A 879 28.71 -59.08 -12.24
CA VAL A 879 28.15 -60.42 -12.11
C VAL A 879 27.38 -60.58 -10.80
N ASN A 880 27.85 -59.93 -9.73
CA ASN A 880 27.18 -60.05 -8.43
C ASN A 880 25.81 -59.38 -8.44
N GLN A 881 25.68 -58.27 -9.19
CA GLN A 881 24.40 -57.58 -9.34
C GLN A 881 23.60 -58.08 -10.53
N ALA A 882 24.11 -59.07 -11.27
CA ALA A 882 23.39 -59.68 -12.39
C ALA A 882 23.17 -61.17 -12.13
N SER A 887 12.24 -64.45 -7.94
CA SER A 887 12.93 -65.63 -7.43
C SER A 887 14.12 -65.23 -6.56
N GLU A 888 15.32 -65.72 -6.91
CA GLU A 888 16.52 -65.41 -6.13
C GLU A 888 16.91 -63.94 -6.28
N GLU A 889 16.68 -63.37 -7.46
CA GLU A 889 16.94 -61.94 -7.66
C GLU A 889 16.01 -61.10 -6.79
N LYS A 890 14.73 -61.49 -6.72
CA LYS A 890 13.77 -60.76 -5.87
C LYS A 890 14.13 -60.90 -4.40
N GLY A 891 14.56 -62.09 -3.98
CA GLY A 891 14.89 -62.32 -2.58
C GLY A 891 16.13 -61.52 -2.17
N LYS A 892 17.17 -61.54 -3.01
CA LYS A 892 18.41 -60.86 -2.67
C LYS A 892 18.21 -59.35 -2.60
N GLU A 893 17.33 -58.80 -3.46
CA GLU A 893 17.13 -57.36 -3.53
C GLU A 893 16.31 -56.83 -2.36
N PHE A 894 15.21 -57.52 -2.02
CA PHE A 894 14.44 -57.14 -0.83
C PHE A 894 15.28 -57.25 0.42
N VAL A 895 16.24 -58.20 0.44
CA VAL A 895 17.09 -58.38 1.62
C VAL A 895 17.99 -57.16 1.83
N GLU A 896 18.61 -56.67 0.74
CA GLU A 896 19.53 -55.53 0.83
C GLU A 896 18.79 -54.22 1.06
N GLN A 897 17.50 -54.15 0.74
CA GLN A 897 16.76 -52.90 0.92
C GLN A 897 16.51 -52.65 2.41
N GLY A 898 15.96 -53.65 3.11
CA GLY A 898 15.62 -53.47 4.52
C GLY A 898 16.87 -53.37 5.38
N LYS A 899 17.85 -54.26 5.15
CA LYS A 899 19.04 -54.32 6.00
C LYS A 899 19.98 -53.14 5.76
N LEU A 900 19.82 -52.40 4.65
CA LEU A 900 20.63 -51.25 4.24
C LEU A 900 22.08 -51.62 3.92
N SER A 901 22.45 -52.90 3.96
CA SER A 901 23.76 -53.38 3.54
C SER A 901 23.57 -54.62 2.66
N VAL A 902 24.68 -55.19 2.18
CA VAL A 902 24.60 -56.35 1.31
C VAL A 902 25.96 -57.07 1.30
N THR A 903 25.91 -58.40 1.20
CA THR A 903 27.10 -59.25 1.19
C THR A 903 27.01 -60.23 0.03
N LEU A 904 27.70 -59.93 -1.06
CA LEU A 904 27.74 -60.79 -2.25
C LEU A 904 29.08 -61.49 -2.34
N ALA A 905 29.07 -62.70 -2.91
CA ALA A 905 30.26 -63.51 -3.09
C ALA A 905 30.69 -63.46 -4.55
N SER A 906 31.94 -63.05 -4.79
CA SER A 906 32.50 -62.93 -6.13
C SER A 906 32.79 -64.29 -6.74
N GLY A 907 33.95 -64.44 -7.38
CA GLY A 907 34.39 -65.73 -7.90
C GLY A 907 35.13 -66.56 -6.86
N GLU A 908 35.57 -65.93 -5.77
CA GLU A 908 36.24 -66.66 -4.70
C GLU A 908 36.03 -66.00 -3.34
N ASN A 909 35.90 -64.67 -3.32
CA ASN A 909 35.79 -63.89 -2.10
C ASN A 909 34.40 -63.28 -1.97
N LEU A 910 34.18 -62.59 -0.86
CA LEU A 910 32.90 -61.95 -0.54
C LEU A 910 33.15 -60.50 -0.16
N THR A 911 32.32 -59.60 -0.70
CA THR A 911 32.43 -58.17 -0.48
C THR A 911 31.19 -57.63 0.22
N LEU A 912 31.34 -56.49 0.91
CA LEU A 912 30.27 -55.87 1.69
C LEU A 912 29.87 -54.56 1.03
N GLU A 913 28.70 -54.56 0.38
CA GLU A 913 28.17 -53.37 -0.26
C GLU A 913 27.31 -52.57 0.71
N THR A 914 27.15 -51.28 0.40
CA THR A 914 26.32 -50.40 1.24
C THR A 914 25.64 -49.33 0.39
N GLU A 915 26.18 -48.10 0.40
CA GLU A 915 25.65 -46.98 -0.34
C GLU A 915 26.18 -46.89 -1.78
N ASP A 916 26.69 -48.00 -2.31
CA ASP A 916 27.20 -48.08 -3.68
C ASP A 916 26.22 -48.75 -4.63
N VAL A 917 24.94 -48.81 -4.26
CA VAL A 917 23.93 -49.53 -5.01
C VAL A 917 22.83 -48.55 -5.40
N LEU A 918 22.49 -48.53 -6.69
CA LEU A 918 21.35 -47.78 -7.18
C LEU A 918 20.14 -48.71 -7.23
N VAL A 919 19.02 -48.26 -6.66
CA VAL A 919 17.84 -49.08 -6.47
C VAL A 919 16.72 -48.58 -7.38
N GLU A 920 15.97 -49.51 -7.97
CA GLU A 920 14.83 -49.19 -8.81
C GLU A 920 13.62 -50.02 -8.35
N LYS A 921 12.61 -49.34 -7.83
CA LYS A 921 11.34 -50.00 -7.51
C LYS A 921 10.52 -50.10 -8.81
N VAL A 922 10.31 -51.32 -9.27
CA VAL A 922 9.53 -51.59 -10.48
C VAL A 922 8.15 -52.05 -10.06
N PRO A 923 7.08 -51.34 -10.41
CA PRO A 923 5.75 -51.77 -9.99
C PRO A 923 5.38 -53.07 -10.66
N LYS A 924 4.77 -53.97 -9.89
CA LYS A 924 4.24 -55.19 -10.47
C LYS A 924 3.21 -54.86 -11.56
N GLU A 925 2.88 -55.86 -12.36
CA GLU A 925 1.93 -55.69 -13.45
C GLU A 925 0.64 -55.05 -12.94
N GLY A 926 0.31 -53.90 -13.52
CA GLY A 926 -0.94 -53.22 -13.23
C GLY A 926 -0.92 -52.23 -12.07
N PHE A 927 0.24 -51.96 -11.48
CA PHE A 927 0.34 -51.01 -10.38
C PHE A 927 1.09 -49.77 -10.82
N ALA A 928 0.71 -48.64 -10.22
CA ALA A 928 1.34 -47.35 -10.48
C ALA A 928 1.65 -46.71 -9.13
N VAL A 929 2.78 -46.01 -9.06
CA VAL A 929 3.37 -45.63 -7.78
C VAL A 929 3.63 -44.12 -7.76
N ALA A 930 3.53 -43.54 -6.57
CA ALA A 930 3.96 -42.16 -6.35
C ALA A 930 4.28 -42.00 -4.87
N SER A 931 5.21 -41.10 -4.57
CA SER A 931 5.68 -40.90 -3.21
C SER A 931 5.97 -39.43 -2.96
N ASN A 932 5.83 -39.03 -1.70
CA ASN A 932 6.35 -37.74 -1.24
C ASN A 932 6.60 -37.83 0.26
N GLY A 933 7.77 -37.34 0.68
CA GLY A 933 8.14 -37.33 2.09
C GLY A 933 8.27 -38.72 2.65
N MET A 934 7.33 -39.09 3.53
CA MET A 934 7.39 -40.37 4.21
C MET A 934 6.60 -41.46 3.51
N TYR A 935 5.69 -41.10 2.62
CA TYR A 935 4.67 -42.02 2.13
C TYR A 935 4.90 -42.42 0.68
N THR A 936 4.67 -43.69 0.40
CA THR A 936 4.60 -44.21 -0.96
C THR A 936 3.22 -44.82 -1.16
N ALA A 937 2.53 -44.39 -2.21
CA ALA A 937 1.23 -44.91 -2.56
C ALA A 937 1.34 -45.68 -3.86
N VAL A 938 0.66 -46.83 -3.93
CA VAL A 938 0.66 -47.67 -5.13
C VAL A 938 -0.79 -47.97 -5.51
N LEU A 939 -1.19 -47.52 -6.68
CA LEU A 939 -2.56 -47.68 -7.16
C LEU A 939 -2.64 -48.88 -8.09
N ASP A 940 -3.61 -49.75 -7.86
CA ASP A 940 -3.95 -50.82 -8.80
C ASP A 940 -4.76 -50.21 -9.94
N THR A 941 -4.11 -49.92 -11.06
CA THR A 941 -4.77 -49.32 -12.22
C THR A 941 -5.39 -50.37 -13.17
N ALA A 942 -5.40 -51.64 -12.80
CA ALA A 942 -5.97 -52.68 -13.65
C ALA A 942 -7.48 -52.58 -13.66
N LEU A 943 -8.06 -52.23 -14.82
CA LEU A 943 -9.51 -52.18 -15.00
C LEU A 943 -10.06 -53.54 -15.37
N THR A 944 -11.23 -53.86 -14.83
CA THR A 944 -11.95 -55.07 -15.19
C THR A 944 -13.33 -54.69 -15.72
N GLU A 945 -13.94 -55.62 -16.45
CA GLU A 945 -15.27 -55.38 -16.99
C GLU A 945 -16.23 -54.90 -15.91
N GLU A 946 -16.12 -55.46 -14.71
CA GLU A 946 -17.04 -55.12 -13.65
C GLU A 946 -16.72 -53.76 -13.03
N LEU A 947 -15.43 -53.43 -12.91
CA LEU A 947 -15.05 -52.09 -12.49
C LEU A 947 -15.52 -51.06 -13.50
N VAL A 948 -15.31 -51.34 -14.80
CA VAL A 948 -15.75 -50.41 -15.82
C VAL A 948 -17.27 -50.23 -15.78
N GLN A 949 -18.00 -51.32 -15.55
CA GLN A 949 -19.46 -51.23 -15.44
C GLN A 949 -19.87 -50.33 -14.28
N GLU A 950 -19.24 -50.52 -13.12
CA GLU A 950 -19.62 -49.72 -11.96
C GLU A 950 -19.34 -48.24 -12.21
N GLY A 951 -18.23 -47.93 -12.87
CA GLY A 951 -17.97 -46.53 -13.22
C GLY A 951 -19.08 -45.95 -14.10
N VAL A 952 -19.56 -46.75 -15.06
CA VAL A 952 -20.69 -46.31 -15.89
C VAL A 952 -21.91 -46.04 -15.03
N ALA A 953 -22.17 -46.89 -14.04
CA ALA A 953 -23.32 -46.68 -13.16
C ALA A 953 -23.14 -45.43 -12.30
N ARG A 954 -21.92 -45.19 -11.83
CA ARG A 954 -21.66 -43.94 -11.10
C ARG A 954 -21.84 -42.72 -12.00
N GLU A 955 -21.53 -42.85 -13.30
CA GLU A 955 -21.75 -41.73 -14.22
C GLU A 955 -23.24 -41.54 -14.54
N VAL A 956 -24.01 -42.63 -14.62
CA VAL A 956 -25.47 -42.48 -14.74
C VAL A 956 -26.02 -41.70 -13.54
N ILE A 957 -25.68 -42.12 -12.32
CA ILE A 957 -26.14 -41.43 -11.11
C ILE A 957 -25.84 -39.93 -11.22
N ARG A 958 -24.63 -39.59 -11.62
CA ARG A 958 -24.24 -38.18 -11.64
C ARG A 958 -24.96 -37.43 -12.76
N ALA A 959 -25.16 -38.08 -13.91
CA ALA A 959 -25.94 -37.47 -14.98
C ALA A 959 -27.38 -37.20 -14.54
N VAL A 960 -27.97 -38.11 -13.76
CA VAL A 960 -29.33 -37.88 -13.28
C VAL A 960 -29.35 -36.72 -12.28
N GLN A 961 -28.37 -36.68 -11.36
CA GLN A 961 -28.33 -35.57 -10.40
C GLN A 961 -28.21 -34.24 -11.12
N ASP A 962 -27.33 -34.17 -12.13
CA ASP A 962 -27.17 -32.94 -12.91
C ASP A 962 -28.43 -32.55 -13.66
N TYR A 963 -29.11 -33.53 -14.25
CA TYR A 963 -30.32 -33.24 -15.02
C TYR A 963 -31.44 -32.74 -14.10
N ARG A 964 -31.61 -33.37 -12.94
CA ARG A 964 -32.53 -32.86 -11.94
C ARG A 964 -32.22 -31.40 -11.59
N LYS A 965 -30.93 -31.07 -11.47
CA LYS A 965 -30.58 -29.69 -11.15
C LYS A 965 -30.94 -28.73 -12.28
N LYS A 966 -30.65 -29.15 -13.52
CA LYS A 966 -31.01 -28.34 -14.70
C LYS A 966 -32.51 -28.18 -14.84
N LEU A 967 -33.29 -29.13 -14.33
CA LEU A 967 -34.75 -28.99 -14.30
C LEU A 967 -35.22 -28.25 -13.06
N ASP A 968 -34.28 -27.87 -12.18
CA ASP A 968 -34.58 -27.15 -10.94
C ASP A 968 -35.57 -27.93 -10.08
N LEU A 969 -35.35 -29.23 -9.97
CA LEU A 969 -36.15 -30.06 -9.10
C LEU A 969 -35.59 -29.99 -7.67
N PRO A 970 -36.46 -29.89 -6.65
CA PRO A 970 -35.98 -29.94 -5.28
C PRO A 970 -35.25 -31.26 -5.03
N VAL A 971 -34.22 -31.20 -4.19
CA VAL A 971 -33.36 -32.37 -4.01
C VAL A 971 -34.06 -33.47 -3.24
N ASN A 972 -35.16 -33.17 -2.56
CA ASN A 972 -35.86 -34.15 -1.77
C ASN A 972 -36.97 -34.89 -2.54
N SER A 973 -37.32 -34.45 -3.74
CA SER A 973 -38.43 -35.09 -4.45
C SER A 973 -37.99 -36.43 -5.03
N ARG A 974 -38.94 -37.37 -5.08
CA ARG A 974 -38.79 -38.61 -5.83
C ARG A 974 -39.33 -38.40 -7.23
N ILE A 975 -38.67 -39.00 -8.23
CA ILE A 975 -39.08 -38.82 -9.62
C ILE A 975 -39.32 -40.16 -10.29
N ASN A 976 -40.19 -40.14 -11.29
CA ASN A 976 -40.28 -41.20 -12.28
C ASN A 976 -39.30 -40.89 -13.40
N LEU A 977 -38.39 -41.82 -13.68
CA LEU A 977 -37.30 -41.57 -14.62
C LEU A 977 -37.33 -42.59 -15.76
N GLU A 978 -37.24 -42.09 -17.00
CA GLU A 978 -37.01 -42.93 -18.18
C GLU A 978 -35.59 -42.68 -18.67
N LEU A 979 -34.93 -43.73 -19.13
CA LEU A 979 -33.55 -43.65 -19.60
C LEU A 979 -33.41 -44.51 -20.85
N SER A 980 -32.72 -43.97 -21.86
CA SER A 980 -32.43 -44.71 -23.10
C SER A 980 -30.93 -44.62 -23.40
N GLY A 981 -30.30 -45.78 -23.66
CA GLY A 981 -28.87 -45.80 -23.91
C GLY A 981 -28.47 -47.06 -24.65
N ASP A 982 -27.16 -47.17 -24.92
CA ASP A 982 -26.62 -48.32 -25.63
C ASP A 982 -26.59 -49.53 -24.69
N GLU A 983 -26.21 -50.69 -25.24
CA GLU A 983 -26.32 -51.95 -24.51
C GLU A 983 -25.41 -51.99 -23.27
N GLU A 984 -24.26 -51.32 -23.34
CA GLU A 984 -23.41 -51.22 -22.15
C GLU A 984 -24.08 -50.40 -21.05
N VAL A 985 -24.72 -49.28 -21.42
CA VAL A 985 -25.43 -48.49 -20.41
C VAL A 985 -26.59 -49.30 -19.84
N GLN A 986 -27.40 -49.92 -20.72
CA GLN A 986 -28.52 -50.74 -20.27
C GLN A 986 -28.05 -51.80 -19.27
N LYS A 987 -26.94 -52.45 -19.55
CA LYS A 987 -26.51 -53.57 -18.72
C LYS A 987 -25.88 -53.11 -17.43
N ALA A 988 -25.11 -52.01 -17.48
CA ALA A 988 -24.61 -51.44 -16.24
C ALA A 988 -25.75 -50.99 -15.32
N VAL A 989 -26.82 -50.43 -15.90
CA VAL A 989 -27.93 -49.93 -15.07
C VAL A 989 -28.69 -51.08 -14.42
N ALA A 990 -28.92 -52.15 -15.17
CA ALA A 990 -29.59 -53.31 -14.60
C ALA A 990 -28.72 -53.99 -13.55
N LYS A 991 -27.41 -54.10 -13.81
CA LYS A 991 -26.56 -54.81 -12.86
C LYS A 991 -26.40 -54.05 -11.56
N PHE A 992 -26.35 -52.72 -11.63
CA PHE A 992 -26.13 -51.89 -10.44
C PHE A 992 -27.41 -51.17 -10.04
N GLU A 993 -28.55 -51.83 -10.25
CA GLU A 993 -29.84 -51.24 -9.93
C GLU A 993 -29.90 -50.79 -8.49
N THR A 994 -29.40 -51.61 -7.56
CA THR A 994 -29.52 -51.24 -6.16
C THR A 994 -28.59 -50.09 -5.79
N LEU A 995 -27.41 -50.01 -6.42
CA LEU A 995 -26.57 -48.82 -6.24
C LEU A 995 -27.31 -47.57 -6.71
N LEU A 996 -28.04 -47.68 -7.82
CA LEU A 996 -28.84 -46.55 -8.26
C LEU A 996 -30.00 -46.28 -7.31
N GLN A 997 -30.70 -47.33 -6.87
CA GLN A 997 -31.82 -47.12 -5.94
C GLN A 997 -31.36 -46.39 -4.68
N GLU A 998 -30.18 -46.74 -4.17
CA GLU A 998 -29.68 -46.14 -2.94
C GLU A 998 -29.11 -44.75 -3.12
N ASN A 999 -28.68 -44.39 -4.31
CA ASN A 999 -28.06 -43.08 -4.52
C ASN A 999 -28.96 -42.08 -5.23
N LEU A 1000 -30.17 -42.50 -5.64
CA LEU A 1000 -31.12 -41.64 -6.34
C LEU A 1000 -32.48 -41.76 -5.67
N LEU A 1001 -33.22 -40.64 -5.65
CA LEU A 1001 -34.59 -40.62 -5.12
C LEU A 1001 -35.56 -40.86 -6.26
N LEU A 1002 -36.16 -42.05 -6.30
CA LEU A 1002 -36.85 -42.55 -7.48
C LEU A 1002 -38.23 -43.12 -7.14
N HIS A 1003 -39.24 -42.72 -7.89
CA HIS A 1003 -40.50 -43.46 -7.89
C HIS A 1003 -40.38 -44.69 -8.76
N SER A 1004 -39.71 -44.55 -9.90
CA SER A 1004 -39.50 -45.67 -10.80
C SER A 1004 -38.37 -45.30 -11.75
N LEU A 1005 -37.81 -46.33 -12.38
CA LEU A 1005 -36.75 -46.19 -13.37
C LEU A 1005 -37.02 -47.18 -14.50
N SER A 1006 -37.34 -46.67 -15.68
CA SER A 1006 -37.67 -47.49 -16.83
C SER A 1006 -36.61 -47.29 -17.92
N VAL A 1007 -35.86 -48.36 -18.23
CA VAL A 1007 -34.96 -48.36 -19.38
C VAL A 1007 -35.78 -48.66 -20.62
N LYS A 1008 -35.84 -47.70 -21.55
CA LYS A 1008 -36.66 -47.79 -22.75
C LYS A 1008 -35.79 -47.80 -24.00
N GLU A 1009 -36.31 -48.44 -25.07
CA GLU A 1009 -35.57 -48.48 -26.34
C GLU A 1009 -35.47 -47.10 -26.97
N THR A 1010 -36.59 -46.38 -27.02
CA THR A 1010 -36.63 -45.01 -27.52
C THR A 1010 -37.50 -44.19 -26.58
N ILE A 1011 -37.24 -42.89 -26.52
CA ILE A 1011 -37.96 -41.99 -25.62
C ILE A 1011 -38.52 -40.83 -26.43
N LYS A 1012 -39.77 -40.46 -26.15
CA LYS A 1012 -40.39 -39.31 -26.78
C LYS A 1012 -40.11 -38.06 -25.95
N ASN A 1013 -39.52 -37.05 -26.57
CA ASN A 1013 -39.32 -35.75 -25.94
C ASN A 1013 -38.45 -35.85 -24.70
N GLY A 1014 -37.40 -36.67 -24.76
CA GLY A 1014 -36.38 -36.70 -23.75
C GLY A 1014 -35.33 -35.63 -24.00
N GLU A 1015 -34.30 -35.66 -23.16
CA GLU A 1015 -33.16 -34.77 -23.32
C GLU A 1015 -31.87 -35.60 -23.34
N THR A 1016 -30.98 -35.29 -24.27
CA THR A 1016 -29.75 -36.06 -24.44
C THR A 1016 -28.65 -35.50 -23.55
N VAL A 1017 -28.05 -36.35 -22.72
CA VAL A 1017 -27.01 -35.96 -21.77
C VAL A 1017 -25.83 -36.89 -21.95
N LYS A 1018 -24.70 -36.50 -21.35
CA LYS A 1018 -23.49 -37.29 -21.43
C LYS A 1018 -23.39 -38.20 -20.21
N VAL A 1019 -23.08 -39.46 -20.44
CA VAL A 1019 -22.69 -40.40 -19.39
C VAL A 1019 -21.29 -40.84 -19.77
N GLY A 1020 -20.28 -40.19 -19.18
CA GLY A 1020 -18.93 -40.35 -19.71
C GLY A 1020 -18.89 -39.73 -21.09
N THR A 1021 -18.42 -40.50 -22.08
CA THR A 1021 -18.49 -40.08 -23.48
C THR A 1021 -19.72 -40.62 -24.18
N LYS A 1022 -20.54 -41.39 -23.50
CA LYS A 1022 -21.75 -41.94 -24.10
C LYS A 1022 -22.88 -40.92 -24.08
N GLN A 1023 -23.75 -41.01 -25.08
CA GLN A 1023 -24.94 -40.18 -25.15
C GLN A 1023 -26.14 -40.99 -24.65
N VAL A 1024 -26.87 -40.44 -23.69
CA VAL A 1024 -28.00 -41.10 -23.04
C VAL A 1024 -29.17 -40.12 -23.00
N VAL A 1025 -30.37 -40.60 -23.31
CA VAL A 1025 -31.59 -39.78 -23.27
C VAL A 1025 -32.25 -40.01 -21.92
N LEU A 1026 -32.63 -38.91 -21.25
CA LEU A 1026 -33.34 -38.96 -19.98
C LEU A 1026 -34.68 -38.27 -20.13
N ARG A 1027 -35.69 -38.80 -19.43
CA ARG A 1027 -36.97 -38.11 -19.31
C ARG A 1027 -37.47 -38.21 -17.88
N VAL A 1028 -37.91 -37.08 -17.32
CA VAL A 1028 -38.63 -37.04 -16.05
C VAL A 1028 -40.11 -36.83 -16.36
N LEU A 1029 -40.97 -37.67 -15.83
CA LEU A 1029 -42.38 -37.55 -16.18
C LEU A 1029 -43.27 -37.86 -14.98
N ASN A 1030 -44.52 -37.49 -15.13
CA ASN A 1030 -45.54 -37.77 -14.14
C ASN A 1030 -46.20 -39.11 -14.39
N GLN A 1031 -46.53 -39.81 -13.32
CA GLN A 1031 -47.29 -41.06 -13.37
C GLN A 1031 -48.12 -41.19 -12.10
N SER A 1032 -49.42 -41.46 -12.25
CA SER A 1032 -50.29 -41.63 -11.09
C SER A 1032 -49.92 -42.83 -10.22
ZN ZN B . 3.50 50.35 14.64
C1 MRC C . -2.40 4.86 -5.64
C2 MRC C . -2.05 6.04 -4.74
C3 MRC C . -1.52 5.91 -3.30
C4 MRC C . -1.25 7.21 -2.55
C5 MRC C . -2.45 7.54 -1.68
C6 MRC C . -2.14 8.75 -0.76
C7 MRC C . -3.26 8.85 0.24
C8 MRC C . -4.60 9.01 -0.50
C9 MRC C . -4.70 10.39 -1.17
C10 MRC C . -4.95 11.49 -0.11
C11 MRC C . -3.77 12.34 0.28
C12 MRC C . -3.78 12.98 1.68
C13 MRC C . -2.92 14.25 1.67
C14 MRC C . -3.27 15.12 2.90
C15 MRC C . -1.35 4.57 -2.64
C16 MRC C . -4.75 7.86 -1.54
C1' MRC C . -7.82 7.91 -14.47
O1P MRC C . -7.92 6.71 -14.87
O1Q MRC C . -7.39 8.86 -15.15
C2' MRC C . -8.32 8.26 -13.07
C3' MRC C . -7.47 7.65 -11.95
C4' MRC C . -5.97 7.80 -12.20
C5' MRC C . -5.21 7.73 -10.85
C6' MRC C . -4.67 6.33 -10.62
C7' MRC C . -3.87 6.15 -9.30
C8' MRC C . -4.28 4.83 -8.68
C9' MRC C . -3.19 4.28 -7.74
O1A MRC C . -2.89 5.31 -6.81
O1B MRC C . -2.25 3.66 -5.38
O5 MRC C . -3.64 7.80 -2.45
O7 MRC C . -3.25 7.65 1.02
O6 MRC C . -0.92 8.50 -0.04
O10 MRC C . -4.77 12.84 -0.63
C17 MRC C . -3.24 11.98 2.71
O13 MRC C . -3.17 15.01 0.50
ZN ZN D . 8.78 28.88 -17.72
O1 TLA E . -0.80 23.60 -2.75
O11 TLA E . -0.10 24.72 -0.95
C1 TLA E . 0.05 23.90 -1.89
C2 TLA E . 1.40 23.21 -2.05
O2 TLA E . 2.33 23.62 -1.01
C3 TLA E . 1.92 23.65 -3.42
O3 TLA E . 2.10 25.08 -3.38
C4 TLA E . 3.24 22.90 -3.75
O4 TLA E . 3.11 21.71 -4.12
O41 TLA E . 4.31 23.51 -3.58
O1 TLA F . 9.83 1.61 -15.66
O11 TLA F . 11.18 3.17 -16.49
C1 TLA F . 10.17 2.80 -15.87
C2 TLA F . 9.26 3.91 -15.30
O2 TLA F . 8.25 3.34 -14.44
C3 TLA F . 8.65 4.69 -16.48
O3 TLA F . 7.73 3.86 -17.21
C4 TLA F . 7.94 5.96 -15.99
O4 TLA F . 6.72 5.88 -15.73
O41 TLA F . 8.64 7.00 -15.92
OH2 1PE G . -14.80 -9.21 30.94
C12 1PE G . -13.51 -9.27 31.56
C22 1PE G . -12.65 -8.13 31.00
OH3 1PE G . -13.48 -6.98 30.81
C13 1PE G . -13.02 -4.86 29.76
C23 1PE G . -12.72 -5.77 30.96
OH4 1PE G . -14.43 -4.66 29.62
C14 1PE G . -16.35 -3.19 29.89
C24 1PE G . -14.84 -3.38 30.12
OH5 1PE G . -16.67 -1.82 30.10
C15 1PE G . -18.23 0.03 30.06
C25 1PE G . -17.97 -1.44 29.63
OH6 1PE G . -19.61 0.24 30.33
C16 1PE G . -21.35 1.41 31.50
C26 1PE G . -19.84 1.20 31.37
OH7 1PE G . -22.01 0.15 31.71
#